data_5F1X
#
_entry.id   5F1X
#
_cell.length_a   55.965
_cell.length_b   74.823
_cell.length_c   90.222
_cell.angle_alpha   90.000
_cell.angle_beta   98.850
_cell.angle_gamma   90.000
#
_symmetry.space_group_name_H-M   'P 1 21 1'
#
loop_
_entity.id
_entity.type
_entity.pdbx_description
1 polymer '78 kDa glucose-regulated protein'
2 non-polymer "ADENOSINE-5'-TRIPHOSPHATE"
3 water water
#
_entity_poly.entity_id   1
_entity_poly.type   'polypeptide(L)'
_entity_poly.pdbx_seq_one_letter_code
;MHHHHHHSSGRENLYFQGDVGTVVGIDLGTTYSCVGVFKNGRVEIIANDQGNRITPSYVAFTPEGERLIGDAAKNQLTSN
PENTVFDAKRLIGRTWNDPSVQQDIKFLPFKVVEKKTKPYIQVDIGGGQTKTFAPEEISAMVLTKMKETAEAYLGKKVTH
AVVTVPAYFNDAQRQATKDAGTIAGLNVMRIINEPTAAAIAYGLDKREGEKNILVFDLGGGTFDVSLLTIDNGVFEVVAT
NGDTHLGGEDFDQRVMEHFIKLYKKKTGKDVRKDNRAVQKLRREVEKAKRALSSQHQARIEIESFYEGEDFSETLTRAKF
EELNMDLFRSTMKPVQKVLEDSDLKKSDIDEIVLVGGSTRIPKIQQLVKEFFNGKEPSRGINPDEAVAYGAAVQAGVLSG
;
_entity_poly.pdbx_strand_id   A,B
#
loop_
_chem_comp.id
_chem_comp.type
_chem_comp.name
_chem_comp.formula
ATP non-polymer ADENOSINE-5'-TRIPHOSPHATE 'C10 H16 N5 O13 P3'
#
# COMPACT_ATOMS: atom_id res chain seq x y z
N ASP A 19 -26.80 0.33 7.72
CA ASP A 19 -25.89 -0.84 7.83
C ASP A 19 -25.72 -1.49 6.47
N VAL A 20 -24.51 -1.32 5.93
CA VAL A 20 -24.19 -1.79 4.60
C VAL A 20 -23.45 -3.13 4.69
N GLY A 21 -23.12 -3.57 5.89
CA GLY A 21 -22.44 -4.84 6.09
C GLY A 21 -21.09 -4.86 5.41
N THR A 22 -20.71 -6.02 4.91
CA THR A 22 -19.47 -6.15 4.14
C THR A 22 -19.70 -5.86 2.67
N VAL A 23 -19.19 -4.71 2.23
CA VAL A 23 -19.37 -4.24 0.88
C VAL A 23 -18.33 -4.97 0.02
N VAL A 24 -18.77 -5.46 -1.12
CA VAL A 24 -17.90 -6.16 -2.06
C VAL A 24 -17.48 -5.22 -3.21
N GLY A 25 -16.31 -5.47 -3.78
CA GLY A 25 -15.85 -4.77 -4.99
C GLY A 25 -15.92 -5.68 -6.21
N ILE A 26 -16.62 -5.25 -7.23
CA ILE A 26 -16.84 -6.06 -8.44
C ILE A 26 -16.42 -5.40 -9.73
N ASP A 27 -15.49 -6.06 -10.43
CA ASP A 27 -15.16 -5.78 -11.82
C ASP A 27 -16.12 -6.59 -12.71
N LEU A 28 -17.00 -5.87 -13.42
CA LEU A 28 -17.95 -6.51 -14.33
C LEU A 28 -17.42 -6.37 -15.75
N GLY A 29 -16.79 -7.43 -16.22
CA GLY A 29 -16.01 -7.38 -17.44
C GLY A 29 -16.85 -7.76 -18.65
N THR A 30 -16.45 -7.30 -19.83
CA THR A 30 -17.05 -7.81 -21.07
C THR A 30 -16.92 -9.33 -21.16
N THR A 31 -15.73 -9.86 -20.84
CA THR A 31 -15.48 -11.30 -20.94
C THR A 31 -15.28 -12.03 -19.60
N TYR A 32 -14.66 -11.38 -18.62
CA TYR A 32 -14.37 -12.01 -17.34
C TYR A 32 -14.61 -10.99 -16.24
N SER A 33 -15.25 -11.45 -15.18
CA SER A 33 -15.55 -10.65 -14.01
C SER A 33 -14.82 -11.13 -12.79
N CYS A 34 -14.63 -10.23 -11.83
CA CYS A 34 -13.78 -10.48 -10.67
C CYS A 34 -14.37 -9.77 -9.47
N VAL A 35 -14.33 -10.44 -8.30
CA VAL A 35 -14.84 -9.90 -7.03
C VAL A 35 -13.81 -9.95 -5.88
N GLY A 36 -13.67 -8.82 -5.18
CA GLY A 36 -12.85 -8.73 -3.96
C GLY A 36 -13.57 -8.13 -2.77
N VAL A 37 -13.00 -8.36 -1.58
CA VAL A 37 -13.46 -7.81 -0.33
C VAL A 37 -12.27 -7.43 0.53
N PHE A 38 -12.49 -6.51 1.45
CA PHE A 38 -11.45 -6.14 2.45
C PHE A 38 -11.76 -6.92 3.71
N LYS A 39 -10.84 -7.79 4.11
CA LYS A 39 -11.04 -8.65 5.28
C LYS A 39 -9.73 -8.80 6.04
N ASN A 40 -9.81 -8.73 7.37
CA ASN A 40 -8.64 -8.81 8.25
C ASN A 40 -7.47 -7.96 7.73
N GLY A 41 -7.78 -6.74 7.33
CA GLY A 41 -6.76 -5.73 7.07
C GLY A 41 -6.20 -5.68 5.66
N ARG A 42 -6.73 -6.47 4.74
CA ARG A 42 -6.25 -6.42 3.37
C ARG A 42 -7.27 -6.89 2.38
N VAL A 43 -7.05 -6.58 1.10
CA VAL A 43 -7.94 -7.00 0.03
C VAL A 43 -7.71 -8.48 -0.25
N GLU A 44 -8.81 -9.21 -0.32
CA GLU A 44 -8.82 -10.61 -0.71
C GLU A 44 -9.61 -10.71 -2.01
N ILE A 45 -9.01 -11.32 -3.03
CA ILE A 45 -9.69 -11.67 -4.28
C ILE A 45 -10.22 -13.09 -4.15
N ILE A 46 -11.52 -13.25 -4.41
CA ILE A 46 -12.23 -14.47 -4.05
C ILE A 46 -12.38 -15.40 -5.25
N ALA A 47 -12.06 -16.68 -5.03
CA ALA A 47 -12.25 -17.69 -6.04
C ALA A 47 -13.68 -18.16 -6.09
N ASN A 48 -14.18 -18.45 -7.29
CA ASN A 48 -15.53 -19.02 -7.42
C ASN A 48 -15.60 -20.51 -7.09
N ASP A 49 -16.78 -21.10 -7.24
CA ASP A 49 -16.95 -22.50 -6.89
C ASP A 49 -16.21 -23.51 -7.79
N GLN A 50 -15.68 -23.04 -8.92
CA GLN A 50 -14.76 -23.83 -9.75
C GLN A 50 -13.26 -23.60 -9.45
N GLY A 51 -12.97 -22.79 -8.46
CA GLY A 51 -11.61 -22.55 -8.03
C GLY A 51 -10.93 -21.45 -8.81
N ASN A 52 -11.67 -20.64 -9.56
CA ASN A 52 -11.08 -19.56 -10.38
C ASN A 52 -11.33 -18.17 -9.83
N ARG A 53 -10.28 -17.36 -9.76
CA ARG A 53 -10.36 -15.99 -9.22
C ARG A 53 -10.97 -14.99 -10.21
N ILE A 54 -11.23 -15.45 -11.44
CA ILE A 54 -12.06 -14.71 -12.39
C ILE A 54 -13.10 -15.66 -12.98
N THR A 55 -14.19 -15.06 -13.43
CA THR A 55 -15.42 -15.73 -13.85
C THR A 55 -15.94 -15.21 -15.18
N PRO A 56 -16.10 -16.10 -16.17
CA PRO A 56 -16.63 -15.65 -17.48
C PRO A 56 -18.01 -14.97 -17.39
N SER A 57 -18.16 -13.86 -18.11
CA SER A 57 -19.41 -13.13 -18.12
C SER A 57 -20.35 -13.79 -19.11
N TYR A 58 -20.77 -15.00 -18.78
CA TYR A 58 -21.44 -15.92 -19.70
C TYR A 58 -22.63 -16.54 -19.04
N VAL A 59 -23.69 -16.71 -19.80
CA VAL A 59 -24.88 -17.41 -19.34
C VAL A 59 -25.28 -18.41 -20.41
N ALA A 60 -25.73 -19.60 -19.98
CA ALA A 60 -26.29 -20.58 -20.90
C ALA A 60 -27.50 -21.29 -20.32
N PHE A 61 -28.35 -21.74 -21.21
CA PHE A 61 -29.57 -22.44 -20.86
C PHE A 61 -29.54 -23.78 -21.53
N THR A 62 -29.53 -24.85 -20.74
CA THR A 62 -29.53 -26.22 -21.26
C THR A 62 -30.94 -26.67 -21.74
N PRO A 63 -30.98 -27.64 -22.67
CA PRO A 63 -32.24 -28.30 -23.11
C PRO A 63 -33.16 -28.80 -21.97
N GLU A 64 -32.59 -29.28 -20.87
CA GLU A 64 -33.36 -29.64 -19.67
C GLU A 64 -33.92 -28.40 -18.91
N GLY A 65 -33.48 -27.21 -19.30
CA GLY A 65 -33.92 -25.98 -18.67
C GLY A 65 -33.06 -25.48 -17.51
N GLU A 66 -31.90 -26.07 -17.28
CA GLU A 66 -30.98 -25.54 -16.27
C GLU A 66 -30.29 -24.26 -16.77
N ARG A 67 -30.25 -23.22 -15.94
CA ARG A 67 -29.53 -22.02 -16.26
C ARG A 67 -28.12 -22.09 -15.67
N LEU A 68 -27.11 -22.04 -16.53
CA LEU A 68 -25.72 -22.06 -16.12
C LEU A 68 -25.14 -20.66 -16.19
N ILE A 69 -24.23 -20.34 -15.28
CA ILE A 69 -23.59 -19.05 -15.24
C ILE A 69 -22.09 -19.21 -14.99
N GLY A 70 -21.26 -18.46 -15.72
CA GLY A 70 -19.82 -18.50 -15.51
C GLY A 70 -19.10 -19.60 -16.28
N ASP A 71 -18.13 -20.23 -15.63
CA ASP A 71 -17.34 -21.29 -16.26
C ASP A 71 -18.23 -22.42 -16.81
N ALA A 72 -19.22 -22.84 -16.03
CA ALA A 72 -20.10 -23.91 -16.50
C ALA A 72 -20.81 -23.54 -17.85
N ALA A 73 -21.16 -22.27 -18.00
CA ALA A 73 -21.81 -21.74 -19.23
C ALA A 73 -20.88 -21.74 -20.43
N LYS A 74 -19.70 -21.17 -20.24
CA LYS A 74 -18.67 -21.12 -21.27
C LYS A 74 -18.08 -22.47 -21.66
N ASN A 75 -18.02 -23.44 -20.72
CA ASN A 75 -17.35 -24.73 -20.95
C ASN A 75 -18.25 -25.77 -21.59
N GLN A 76 -19.49 -25.39 -21.87
CA GLN A 76 -20.53 -26.32 -22.27
C GLN A 76 -20.42 -26.67 -23.75
N SER A 79 -22.98 -28.17 -26.67
CA SER A 79 -22.96 -27.06 -27.62
C SER A 79 -24.36 -26.48 -27.87
N ASN A 80 -24.57 -25.21 -27.53
CA ASN A 80 -25.88 -24.52 -27.70
C ASN A 80 -25.72 -23.07 -28.17
N PRO A 81 -25.22 -22.86 -29.40
CA PRO A 81 -24.62 -21.55 -29.67
C PRO A 81 -25.66 -20.42 -29.74
N GLU A 82 -26.88 -20.74 -30.16
CA GLU A 82 -28.00 -19.79 -30.15
C GLU A 82 -28.43 -19.44 -28.73
N ASN A 83 -28.28 -20.38 -27.80
CA ASN A 83 -28.79 -20.20 -26.45
C ASN A 83 -27.72 -19.98 -25.41
N THR A 84 -26.55 -19.51 -25.87
CA THR A 84 -25.48 -19.08 -24.96
C THR A 84 -25.42 -17.57 -25.08
N VAL A 85 -25.28 -16.89 -23.96
CA VAL A 85 -25.30 -15.43 -23.97
C VAL A 85 -24.03 -14.91 -23.32
N PHE A 86 -23.45 -13.89 -23.97
CA PHE A 86 -22.16 -13.29 -23.57
C PHE A 86 -22.09 -11.93 -24.24
N ASP A 87 -21.06 -11.13 -23.89
CA ASP A 87 -20.88 -9.78 -24.47
C ASP A 87 -22.07 -8.81 -24.23
N ALA A 88 -22.88 -9.06 -23.19
CA ALA A 88 -23.99 -8.15 -22.81
C ALA A 88 -23.53 -6.71 -22.52
N LYS A 89 -22.31 -6.58 -22.01
CA LYS A 89 -21.73 -5.25 -21.75
C LYS A 89 -21.64 -4.40 -23.04
N ARG A 90 -21.58 -5.04 -24.21
CA ARG A 90 -21.58 -4.28 -25.47
C ARG A 90 -22.94 -3.65 -25.75
N LEU A 91 -24.00 -4.19 -25.10
CA LEU A 91 -25.39 -3.78 -25.32
C LEU A 91 -26.01 -3.00 -24.18
N ILE A 92 -25.48 -3.17 -22.97
CA ILE A 92 -26.06 -2.59 -21.76
C ILE A 92 -26.18 -1.06 -21.83
N GLY A 93 -27.33 -0.54 -21.42
CA GLY A 93 -27.58 0.91 -21.46
C GLY A 93 -27.64 1.59 -22.81
N ARG A 94 -27.85 0.81 -23.89
CA ARG A 94 -27.95 1.36 -25.23
C ARG A 94 -29.33 1.07 -25.79
N THR A 95 -29.76 1.88 -26.73
CA THR A 95 -31.02 1.63 -27.40
C THR A 95 -30.82 0.63 -28.55
N TRP A 96 -31.90 -0.01 -28.95
CA TRP A 96 -31.90 -0.91 -30.11
C TRP A 96 -31.31 -0.28 -31.37
N ASN A 97 -31.67 0.97 -31.66
CA ASN A 97 -31.26 1.58 -32.92
C ASN A 97 -29.91 2.28 -32.88
N ASP A 98 -29.21 2.18 -31.77
CA ASP A 98 -27.84 2.69 -31.61
C ASP A 98 -27.00 2.00 -32.68
N PRO A 99 -26.31 2.79 -33.52
CA PRO A 99 -25.48 2.24 -34.58
C PRO A 99 -24.48 1.16 -34.09
N SER A 100 -23.95 1.32 -32.89
CA SER A 100 -23.04 0.34 -32.25
C SER A 100 -23.75 -1.01 -32.04
N VAL A 101 -25.00 -0.95 -31.63
CA VAL A 101 -25.78 -2.13 -31.37
C VAL A 101 -26.05 -2.87 -32.67
N GLN A 102 -26.37 -2.10 -33.70
CA GLN A 102 -26.72 -2.67 -34.98
C GLN A 102 -25.53 -3.35 -35.65
N GLN A 103 -24.34 -2.78 -35.48
CA GLN A 103 -23.10 -3.43 -35.90
C GLN A 103 -22.80 -4.71 -35.11
N ASP A 104 -22.88 -4.63 -33.79
CA ASP A 104 -22.49 -5.75 -32.91
C ASP A 104 -23.36 -6.99 -33.10
N ILE A 105 -24.65 -6.79 -33.33
CA ILE A 105 -25.55 -7.93 -33.47
C ILE A 105 -25.24 -8.74 -34.75
N LYS A 106 -24.55 -8.15 -35.73
CA LYS A 106 -24.09 -8.92 -36.88
C LYS A 106 -23.15 -10.04 -36.45
N PHE A 107 -22.43 -9.84 -35.33
CA PHE A 107 -21.39 -10.78 -34.91
C PHE A 107 -21.77 -11.71 -33.75
N LEU A 108 -22.94 -11.50 -33.15
CA LEU A 108 -23.37 -12.30 -31.99
C LEU A 108 -24.24 -13.47 -32.45
N PRO A 109 -24.00 -14.70 -31.93
CA PRO A 109 -24.74 -15.84 -32.46
C PRO A 109 -26.17 -15.99 -31.90
N PHE A 110 -26.48 -15.26 -30.84
CA PHE A 110 -27.79 -15.30 -30.24
C PHE A 110 -28.66 -14.19 -30.84
N LYS A 111 -29.97 -14.39 -30.74
CA LYS A 111 -30.96 -13.47 -31.29
C LYS A 111 -31.11 -12.21 -30.41
N VAL A 112 -31.11 -11.04 -31.05
CA VAL A 112 -31.39 -9.78 -30.36
C VAL A 112 -32.56 -9.12 -31.07
N VAL A 113 -33.54 -8.67 -30.29
CA VAL A 113 -34.76 -8.06 -30.80
C VAL A 113 -35.09 -6.75 -30.10
N GLU A 114 -35.82 -5.89 -30.81
CA GLU A 114 -36.24 -4.61 -30.29
C GLU A 114 -37.41 -4.81 -29.36
N LYS A 115 -37.31 -4.23 -28.16
CA LYS A 115 -38.34 -4.35 -27.16
C LYS A 115 -38.17 -3.20 -26.17
N LYS A 116 -39.25 -2.44 -25.99
CA LYS A 116 -39.23 -1.27 -25.13
C LYS A 116 -38.03 -0.36 -25.46
N THR A 117 -37.79 -0.15 -26.76
CA THR A 117 -36.71 0.71 -27.30
C THR A 117 -35.29 0.12 -27.18
N LYS A 118 -35.16 -1.05 -26.52
CA LYS A 118 -33.87 -1.65 -26.19
C LYS A 118 -33.58 -2.95 -26.96
N PRO A 119 -32.30 -3.39 -27.01
CA PRO A 119 -31.91 -4.66 -27.59
C PRO A 119 -32.02 -5.79 -26.58
N TYR A 120 -33.16 -6.45 -26.58
CA TYR A 120 -33.40 -7.56 -25.67
C TYR A 120 -32.85 -8.85 -26.30
N ILE A 121 -32.32 -9.73 -25.46
CA ILE A 121 -31.73 -10.99 -25.90
C ILE A 121 -32.83 -12.04 -25.89
N GLN A 122 -32.97 -12.81 -26.97
CA GLN A 122 -33.99 -13.84 -27.06
C GLN A 122 -33.34 -15.21 -27.14
N VAL A 123 -33.67 -16.10 -26.20
CA VAL A 123 -33.16 -17.49 -26.20
C VAL A 123 -34.26 -18.51 -25.85
N ASP A 124 -34.06 -19.76 -26.26
CA ASP A 124 -34.85 -20.91 -25.76
C ASP A 124 -34.28 -21.38 -24.41
N ILE A 125 -35.06 -21.26 -23.32
CA ILE A 125 -34.59 -21.60 -21.94
C ILE A 125 -34.84 -23.04 -21.52
N GLY A 126 -35.23 -23.88 -22.47
CA GLY A 126 -35.52 -25.29 -22.18
C GLY A 126 -36.81 -25.78 -22.82
N GLY A 127 -36.73 -26.88 -23.54
CA GLY A 127 -37.92 -27.53 -24.06
C GLY A 127 -38.72 -26.68 -25.03
N GLY A 128 -38.04 -25.77 -25.71
CA GLY A 128 -38.69 -24.94 -26.69
C GLY A 128 -39.38 -23.72 -26.13
N GLN A 129 -39.14 -23.39 -24.86
CA GLN A 129 -39.71 -22.18 -24.25
C GLN A 129 -38.82 -20.98 -24.49
N THR A 130 -39.37 -19.96 -25.12
CA THR A 130 -38.64 -18.79 -25.54
C THR A 130 -38.80 -17.71 -24.45
N LYS A 131 -37.72 -17.05 -24.12
CA LYS A 131 -37.78 -15.93 -23.20
C LYS A 131 -36.89 -14.81 -23.71
N THR A 132 -37.26 -13.56 -23.41
CA THR A 132 -36.41 -12.40 -23.71
C THR A 132 -35.88 -11.72 -22.44
N PHE A 133 -34.63 -11.25 -22.51
CA PHE A 133 -33.95 -10.66 -21.37
C PHE A 133 -33.35 -9.35 -21.77
N ALA A 134 -33.58 -8.31 -20.98
CA ALA A 134 -32.81 -7.06 -21.18
C ALA A 134 -31.34 -7.33 -20.89
N PRO A 135 -30.44 -6.60 -21.57
CA PRO A 135 -29.03 -6.75 -21.31
C PRO A 135 -28.74 -6.63 -19.80
N GLU A 136 -29.37 -5.67 -19.12
CA GLU A 136 -29.13 -5.56 -17.67
C GLU A 136 -29.63 -6.79 -16.88
N GLU A 137 -30.58 -7.55 -17.44
CA GLU A 137 -31.01 -8.80 -16.76
C GLU A 137 -29.96 -9.88 -16.94
N ILE A 138 -29.28 -9.89 -18.08
CA ILE A 138 -28.15 -10.82 -18.27
C ILE A 138 -27.02 -10.45 -17.33
N SER A 139 -26.69 -9.17 -17.27
CA SER A 139 -25.62 -8.69 -16.38
C SER A 139 -25.96 -8.96 -14.92
N ALA A 140 -27.24 -8.89 -14.58
CA ALA A 140 -27.70 -9.24 -13.24
C ALA A 140 -27.40 -10.72 -12.86
N MET A 141 -27.48 -11.62 -13.84
CA MET A 141 -27.19 -13.04 -13.60
C MET A 141 -25.73 -13.23 -13.27
N VAL A 142 -24.88 -12.51 -14.00
CA VAL A 142 -23.46 -12.50 -13.73
C VAL A 142 -23.17 -11.92 -12.34
N LEU A 143 -23.83 -10.83 -11.99
CA LEU A 143 -23.62 -10.21 -10.67
C LEU A 143 -24.10 -11.12 -9.56
N THR A 144 -25.20 -11.84 -9.81
CA THR A 144 -25.69 -12.82 -8.86
C THR A 144 -24.63 -13.91 -8.58
N LYS A 145 -23.95 -14.36 -9.65
CA LYS A 145 -22.88 -15.33 -9.50
C LYS A 145 -21.75 -14.73 -8.67
N MET A 146 -21.41 -13.47 -8.90
CA MET A 146 -20.31 -12.84 -8.18
C MET A 146 -20.68 -12.66 -6.69
N LYS A 147 -21.94 -12.29 -6.46
CA LYS A 147 -22.50 -12.21 -5.10
C LYS A 147 -22.40 -13.54 -4.33
N GLU A 148 -22.88 -14.64 -4.92
CA GLU A 148 -22.78 -15.99 -4.35
C GLU A 148 -21.32 -16.38 -4.01
N THR A 149 -20.42 -16.04 -4.93
CA THR A 149 -18.98 -16.30 -4.76
C THR A 149 -18.47 -15.59 -3.50
N ALA A 150 -18.85 -14.32 -3.32
CA ALA A 150 -18.48 -13.56 -2.11
C ALA A 150 -19.08 -14.12 -0.82
N GLU A 151 -20.36 -14.46 -0.89
CA GLU A 151 -21.08 -14.98 0.23
C GLU A 151 -20.53 -16.32 0.71
N ALA A 152 -20.13 -17.18 -0.21
CA ALA A 152 -19.51 -18.45 0.14
C ALA A 152 -18.19 -18.24 0.88
N TYR A 153 -17.41 -17.28 0.42
CA TYR A 153 -16.16 -16.93 1.09
C TYR A 153 -16.40 -16.31 2.48
N LEU A 154 -17.37 -15.39 2.56
CA LEU A 154 -17.64 -14.61 3.79
C LEU A 154 -18.44 -15.37 4.83
N GLY A 155 -19.19 -16.37 4.40
CA GLY A 155 -20.05 -17.13 5.31
C GLY A 155 -21.30 -16.37 5.72
N LYS A 156 -21.70 -15.40 4.92
CA LYS A 156 -22.86 -14.59 5.24
C LYS A 156 -23.34 -13.84 4.00
N LYS A 157 -24.53 -13.26 4.06
CA LYS A 157 -25.10 -12.56 2.90
C LYS A 157 -24.41 -11.18 2.72
N VAL A 158 -24.36 -10.70 1.49
CA VAL A 158 -23.91 -9.33 1.26
C VAL A 158 -25.05 -8.59 0.57
N THR A 159 -25.17 -7.31 0.86
CA THR A 159 -26.25 -6.48 0.31
C THR A 159 -25.81 -5.30 -0.57
N HIS A 160 -24.51 -4.93 -0.55
CA HIS A 160 -24.01 -3.70 -1.14
C HIS A 160 -22.70 -3.94 -1.87
N ALA A 161 -22.47 -3.16 -2.92
CA ALA A 161 -21.27 -3.29 -3.77
C ALA A 161 -20.77 -2.00 -4.37
N VAL A 162 -19.48 -1.98 -4.64
CA VAL A 162 -18.83 -0.99 -5.51
C VAL A 162 -18.64 -1.73 -6.85
N VAL A 163 -19.10 -1.15 -7.97
CA VAL A 163 -18.96 -1.79 -9.29
C VAL A 163 -18.29 -0.85 -10.24
N THR A 164 -17.40 -1.40 -11.08
CA THR A 164 -16.65 -0.60 -12.02
C THR A 164 -17.24 -0.58 -13.46
N VAL A 165 -16.96 0.51 -14.19
CA VAL A 165 -17.36 0.65 -15.59
C VAL A 165 -16.24 1.33 -16.36
N PRO A 166 -16.19 1.11 -17.68
CA PRO A 166 -15.23 1.83 -18.48
C PRO A 166 -15.39 3.33 -18.33
N ALA A 167 -14.30 4.07 -18.43
CA ALA A 167 -14.37 5.52 -18.21
C ALA A 167 -15.27 6.22 -19.23
N TYR A 168 -15.42 5.65 -20.42
CA TYR A 168 -16.22 6.27 -21.48
C TYR A 168 -17.73 5.98 -21.31
N PHE A 169 -18.12 5.12 -20.37
CA PHE A 169 -19.54 4.86 -20.16
C PHE A 169 -20.30 6.13 -19.84
N ASN A 170 -21.47 6.27 -20.49
CA ASN A 170 -22.36 7.44 -20.29
C ASN A 170 -23.43 7.25 -19.18
N ASP A 171 -24.33 8.22 -19.04
CA ASP A 171 -25.40 8.20 -18.01
C ASP A 171 -26.25 6.92 -18.06
N ALA A 172 -26.73 6.56 -19.26
CA ALA A 172 -27.60 5.40 -19.41
C ALA A 172 -26.84 4.11 -19.13
N GLN A 173 -25.58 4.01 -19.55
CA GLN A 173 -24.80 2.78 -19.32
C GLN A 173 -24.48 2.58 -17.81
N ARG A 174 -24.17 3.68 -17.12
CA ARG A 174 -23.94 3.67 -15.67
C ARG A 174 -25.21 3.29 -14.92
N GLN A 175 -26.34 3.90 -15.27
CA GLN A 175 -27.61 3.61 -14.59
C GLN A 175 -28.07 2.17 -14.82
N ALA A 176 -27.92 1.68 -16.05
CA ALA A 176 -28.19 0.28 -16.41
C ALA A 176 -27.34 -0.72 -15.62
N THR A 177 -26.09 -0.36 -15.32
CA THR A 177 -25.18 -1.20 -14.48
C THR A 177 -25.68 -1.22 -13.03
N LYS A 178 -26.12 -0.07 -12.51
CA LYS A 178 -26.76 -0.03 -11.18
C LYS A 178 -28.00 -0.90 -11.12
N ASP A 179 -28.80 -0.81 -12.18
CA ASP A 179 -30.06 -1.53 -12.29
C ASP A 179 -29.82 -3.05 -12.33
N ALA A 180 -28.74 -3.48 -13.00
CA ALA A 180 -28.31 -4.88 -12.97
C ALA A 180 -28.04 -5.33 -11.54
N GLY A 181 -27.36 -4.46 -10.80
CA GLY A 181 -27.13 -4.63 -9.36
C GLY A 181 -28.41 -4.87 -8.61
N THR A 182 -29.37 -3.95 -8.78
CA THR A 182 -30.66 -4.03 -8.09
C THR A 182 -31.37 -5.36 -8.37
N ILE A 183 -31.39 -5.76 -9.63
CA ILE A 183 -32.03 -7.04 -10.00
C ILE A 183 -31.35 -8.23 -9.26
N ALA A 184 -30.03 -8.16 -9.13
CA ALA A 184 -29.23 -9.18 -8.46
C ALA A 184 -29.27 -9.06 -6.94
N GLY A 185 -29.99 -8.08 -6.43
CA GLY A 185 -30.08 -7.86 -4.99
C GLY A 185 -28.89 -7.16 -4.38
N LEU A 186 -28.17 -6.37 -5.20
CA LEU A 186 -27.05 -5.56 -4.73
C LEU A 186 -27.35 -4.06 -4.85
N ASN A 187 -27.13 -3.34 -3.75
CA ASN A 187 -27.20 -1.91 -3.78
C ASN A 187 -25.83 -1.38 -4.24
N VAL A 188 -25.79 -0.90 -5.47
CA VAL A 188 -24.55 -0.43 -6.04
C VAL A 188 -24.33 1.00 -5.54
N MET A 189 -23.56 1.07 -4.46
CA MET A 189 -23.29 2.27 -3.70
C MET A 189 -22.50 3.29 -4.47
N ARG A 190 -21.45 2.81 -5.15
CA ARG A 190 -20.61 3.63 -6.01
C ARG A 190 -20.39 2.92 -7.34
N ILE A 191 -20.49 3.68 -8.43
CA ILE A 191 -19.97 3.26 -9.74
C ILE A 191 -18.62 3.99 -9.90
N ILE A 192 -17.55 3.24 -10.14
CA ILE A 192 -16.18 3.77 -10.23
C ILE A 192 -15.59 3.48 -11.61
N ASN A 193 -14.79 4.39 -12.17
CA ASN A 193 -14.16 4.12 -13.46
C ASN A 193 -13.03 3.05 -13.36
N GLU A 194 -13.04 2.10 -14.29
CA GLU A 194 -12.06 1.01 -14.35
C GLU A 194 -10.60 1.47 -14.25
N PRO A 195 -10.17 2.41 -15.09
CA PRO A 195 -8.78 2.85 -14.94
C PRO A 195 -8.46 3.52 -13.58
N THR A 196 -9.41 4.24 -13.01
CA THR A 196 -9.25 4.81 -11.65
C THR A 196 -9.12 3.71 -10.58
N ALA A 197 -9.92 2.67 -10.68
CA ALA A 197 -9.85 1.53 -9.76
C ALA A 197 -8.47 0.88 -9.84
N ALA A 198 -7.96 0.69 -11.04
CA ALA A 198 -6.61 0.15 -11.20
C ALA A 198 -5.57 1.03 -10.51
N ALA A 199 -5.69 2.36 -10.68
CA ALA A 199 -4.73 3.28 -10.08
C ALA A 199 -4.74 3.16 -8.54
N ILE A 200 -5.95 3.08 -7.99
CA ILE A 200 -6.20 2.93 -6.56
C ILE A 200 -5.60 1.64 -5.99
N ALA A 201 -5.71 0.56 -6.74
CA ALA A 201 -5.11 -0.71 -6.37
C ALA A 201 -3.61 -0.58 -6.13
N TYR A 202 -2.95 0.26 -6.94
CA TYR A 202 -1.52 0.52 -6.83
C TYR A 202 -1.18 1.67 -5.88
N GLY A 203 -2.17 2.19 -5.14
CA GLY A 203 -1.91 3.22 -4.14
C GLY A 203 -1.56 4.58 -4.70
N LEU A 204 -1.81 4.80 -5.99
CA LEU A 204 -1.36 6.01 -6.68
C LEU A 204 -2.17 7.26 -6.26
N ASP A 205 -3.30 7.07 -5.60
CA ASP A 205 -4.11 8.19 -5.11
C ASP A 205 -3.47 8.86 -3.91
N LYS A 206 -2.58 8.14 -3.25
CA LYS A 206 -1.87 8.66 -2.08
C LYS A 206 -0.50 9.27 -2.41
N ARG A 207 -0.39 9.89 -3.59
CA ARG A 207 0.82 10.65 -3.97
C ARG A 207 0.62 12.12 -3.62
N GLU A 208 1.73 12.79 -3.30
CA GLU A 208 1.74 14.26 -3.18
C GLU A 208 1.85 14.85 -4.58
N GLY A 209 1.35 16.07 -4.75
CA GLY A 209 1.52 16.81 -6.01
C GLY A 209 0.75 16.25 -7.20
N GLU A 210 0.91 16.88 -8.37
CA GLU A 210 0.19 16.49 -9.58
C GLU A 210 0.97 15.42 -10.34
N LYS A 211 0.30 14.34 -10.73
CA LYS A 211 0.91 13.33 -11.58
C LYS A 211 -0.01 12.98 -12.73
N ASN A 212 0.59 12.55 -13.84
CA ASN A 212 -0.12 12.04 -15.00
C ASN A 212 0.06 10.52 -15.07
N ILE A 213 -1.05 9.78 -15.19
CA ILE A 213 -1.04 8.33 -15.18
C ILE A 213 -1.61 7.80 -16.48
N LEU A 214 -0.87 6.92 -17.15
CA LEU A 214 -1.36 6.30 -18.37
C LEU A 214 -1.78 4.90 -17.97
N VAL A 215 -3.07 4.60 -18.11
CA VAL A 215 -3.58 3.25 -17.90
C VAL A 215 -3.76 2.55 -19.28
N PHE A 216 -3.12 1.39 -19.44
CA PHE A 216 -3.13 0.58 -20.65
C PHE A 216 -3.85 -0.72 -20.32
N ASP A 217 -5.07 -0.87 -20.83
CA ASP A 217 -5.94 -2.00 -20.42
C ASP A 217 -6.34 -2.86 -21.62
N LEU A 218 -5.78 -4.07 -21.70
CA LEU A 218 -6.03 -4.99 -22.78
C LEU A 218 -6.63 -6.27 -22.23
N GLY A 219 -7.91 -6.48 -22.49
CA GLY A 219 -8.66 -7.61 -21.93
C GLY A 219 -8.90 -8.71 -22.94
N GLY A 220 -10.07 -9.32 -22.82
CA GLY A 220 -10.47 -10.42 -23.68
C GLY A 220 -11.05 -9.89 -24.98
N GLY A 221 -11.91 -8.88 -24.86
CA GLY A 221 -12.62 -8.34 -26.04
C GLY A 221 -12.30 -6.90 -26.43
N THR A 222 -11.75 -6.13 -25.49
CA THR A 222 -11.56 -4.68 -25.67
C THR A 222 -10.21 -4.20 -25.20
N PHE A 223 -9.81 -3.06 -25.80
CA PHE A 223 -8.59 -2.38 -25.51
C PHE A 223 -8.92 -0.95 -25.18
N ASP A 224 -8.61 -0.53 -23.95
CA ASP A 224 -8.86 0.84 -23.47
C ASP A 224 -7.58 1.49 -22.92
N VAL A 225 -7.32 2.70 -23.40
CA VAL A 225 -6.23 3.52 -22.90
C VAL A 225 -6.85 4.78 -22.33
N SER A 226 -6.37 5.17 -21.14
CA SER A 226 -6.90 6.33 -20.42
C SER A 226 -5.75 7.15 -19.85
N LEU A 227 -5.88 8.46 -19.93
CA LEU A 227 -4.95 9.38 -19.28
C LEU A 227 -5.69 9.96 -18.10
N LEU A 228 -5.19 9.69 -16.90
CA LEU A 228 -5.72 10.28 -15.68
C LEU A 228 -4.72 11.22 -15.05
N THR A 229 -5.18 12.32 -14.50
CA THR A 229 -4.35 13.11 -13.60
C THR A 229 -4.83 12.86 -12.17
N ILE A 230 -3.90 12.90 -11.24
CA ILE A 230 -4.18 12.77 -9.81
C ILE A 230 -3.59 14.01 -9.17
N ASP A 231 -4.34 14.61 -8.25
CA ASP A 231 -3.88 15.80 -7.55
C ASP A 231 -4.44 15.70 -6.16
N ASN A 232 -3.58 15.48 -5.17
CA ASN A 232 -3.99 15.21 -3.76
C ASN A 232 -5.22 14.28 -3.61
N GLY A 233 -5.11 13.06 -4.15
CA GLY A 233 -6.17 12.08 -4.00
C GLY A 233 -7.41 12.16 -4.89
N VAL A 234 -7.54 13.20 -5.72
CA VAL A 234 -8.69 13.30 -6.65
C VAL A 234 -8.29 13.06 -8.13
N PHE A 235 -8.95 12.09 -8.76
CA PHE A 235 -8.68 11.69 -10.15
C PHE A 235 -9.57 12.44 -11.13
N GLU A 236 -8.98 12.84 -12.25
CA GLU A 236 -9.72 13.35 -13.40
C GLU A 236 -9.34 12.50 -14.63
N VAL A 237 -10.32 12.04 -15.39
CA VAL A 237 -10.07 11.38 -16.67
C VAL A 237 -9.90 12.44 -17.75
N VAL A 238 -8.69 12.59 -18.26
CA VAL A 238 -8.41 13.67 -19.19
C VAL A 238 -8.74 13.29 -20.64
N ALA A 239 -8.38 12.08 -21.05
CA ALA A 239 -8.70 11.58 -22.40
C ALA A 239 -8.77 10.05 -22.37
N THR A 240 -9.58 9.46 -23.26
CA THR A 240 -9.70 8.02 -23.42
C THR A 240 -9.50 7.65 -24.89
N ASN A 241 -8.96 6.47 -25.17
CA ASN A 241 -8.97 5.94 -26.54
C ASN A 241 -8.89 4.40 -26.51
N GLY A 242 -8.61 3.78 -27.64
CA GLY A 242 -8.50 2.34 -27.69
C GLY A 242 -9.16 1.76 -28.93
N ASP A 243 -9.54 0.50 -28.81
CA ASP A 243 -10.26 -0.22 -29.84
C ASP A 243 -11.26 -1.16 -29.15
N THR A 244 -12.55 -0.94 -29.42
CA THR A 244 -13.64 -1.71 -28.78
C THR A 244 -13.70 -3.19 -29.19
N HIS A 245 -13.00 -3.54 -30.26
CA HIS A 245 -12.95 -4.90 -30.84
C HIS A 245 -11.49 -5.40 -31.06
N LEU A 246 -10.64 -5.16 -30.05
CA LEU A 246 -9.32 -5.72 -30.03
C LEU A 246 -9.06 -6.28 -28.62
N GLY A 247 -8.71 -7.56 -28.54
CA GLY A 247 -8.36 -8.18 -27.26
C GLY A 247 -7.80 -9.58 -27.42
N GLY A 248 -7.61 -10.27 -26.31
CA GLY A 248 -7.02 -11.61 -26.34
C GLY A 248 -7.81 -12.62 -27.17
N GLU A 249 -9.12 -12.40 -27.30
CA GLU A 249 -9.96 -13.28 -28.14
C GLU A 249 -9.46 -13.23 -29.60
N ASP A 250 -8.97 -12.06 -30.02
CA ASP A 250 -8.46 -11.88 -31.38
C ASP A 250 -7.12 -12.61 -31.56
N PHE A 251 -6.30 -12.64 -30.52
CA PHE A 251 -5.06 -13.40 -30.54
C PHE A 251 -5.35 -14.93 -30.63
N ASP A 252 -6.36 -15.40 -29.91
CA ASP A 252 -6.77 -16.82 -29.99
C ASP A 252 -7.16 -17.16 -31.43
N GLN A 253 -7.97 -16.29 -32.03
CA GLN A 253 -8.46 -16.51 -33.39
C GLN A 253 -7.30 -16.63 -34.41
N ARG A 254 -6.25 -15.81 -34.26
CA ARG A 254 -5.08 -15.91 -35.14
C ARG A 254 -4.42 -17.27 -35.00
N VAL A 255 -4.32 -17.75 -33.77
CA VAL A 255 -3.77 -19.07 -33.52
C VAL A 255 -4.68 -20.17 -34.10
N MET A 256 -5.99 -20.04 -33.92
N MET A 256 -5.99 -20.04 -33.95
CA MET A 256 -6.95 -20.99 -34.50
CA MET A 256 -6.89 -21.04 -34.52
C MET A 256 -6.79 -21.09 -36.02
C MET A 256 -6.78 -21.10 -36.05
N GLU A 257 -6.70 -19.95 -36.68
CA GLU A 257 -6.57 -19.89 -38.15
C GLU A 257 -5.27 -20.58 -38.60
N HIS A 258 -4.19 -20.32 -37.86
CA HIS A 258 -2.91 -21.01 -38.08
C HIS A 258 -3.05 -22.54 -38.08
N PHE A 259 -3.59 -23.09 -37.00
CA PHE A 259 -3.69 -24.56 -36.88
C PHE A 259 -4.72 -25.19 -37.79
N ILE A 260 -5.75 -24.44 -38.13
CA ILE A 260 -6.72 -24.92 -39.07
C ILE A 260 -6.05 -25.11 -40.44
N LYS A 261 -5.29 -24.11 -40.91
CA LYS A 261 -4.57 -24.25 -42.20
C LYS A 261 -3.53 -25.38 -42.17
N LEU A 262 -2.83 -25.53 -41.06
CA LEU A 262 -1.85 -26.62 -40.88
C LEU A 262 -2.53 -27.99 -40.97
N TYR A 263 -3.69 -28.13 -40.33
CA TYR A 263 -4.42 -29.38 -40.35
C TYR A 263 -4.89 -29.70 -41.75
N LYS A 264 -5.41 -28.69 -42.46
CA LYS A 264 -5.84 -28.89 -43.85
C LYS A 264 -4.68 -29.34 -44.73
N LYS A 265 -3.51 -28.75 -44.52
CA LYS A 265 -2.32 -29.12 -45.30
C LYS A 265 -1.84 -30.54 -44.98
N LYS A 266 -1.92 -30.93 -43.71
CA LYS A 266 -1.44 -32.25 -43.30
C LYS A 266 -2.36 -33.39 -43.71
N THR A 267 -3.67 -33.13 -43.72
CA THR A 267 -4.67 -34.18 -43.95
C THR A 267 -5.49 -34.00 -45.24
N GLY A 268 -5.76 -32.75 -45.62
CA GLY A 268 -6.74 -32.44 -46.64
C GLY A 268 -8.13 -32.21 -46.06
N LYS A 269 -8.21 -32.12 -44.72
CA LYS A 269 -9.50 -32.01 -44.02
C LYS A 269 -9.72 -30.63 -43.45
N ASP A 270 -10.88 -30.05 -43.71
CA ASP A 270 -11.26 -28.73 -43.18
C ASP A 270 -12.08 -28.92 -41.90
N VAL A 271 -11.47 -28.64 -40.74
CA VAL A 271 -12.11 -28.90 -39.46
C VAL A 271 -13.27 -27.92 -39.12
N ARG A 272 -13.42 -26.84 -39.90
CA ARG A 272 -14.54 -25.90 -39.69
C ARG A 272 -15.95 -26.50 -39.98
N LYS A 273 -16.00 -27.69 -40.57
CA LYS A 273 -17.26 -28.38 -40.76
C LYS A 273 -17.91 -28.84 -39.45
N ASP A 274 -17.09 -29.16 -38.43
CA ASP A 274 -17.60 -29.69 -37.17
C ASP A 274 -17.39 -28.66 -36.05
N ASN A 275 -18.47 -27.98 -35.69
CA ASN A 275 -18.39 -26.87 -34.73
C ASN A 275 -17.78 -27.25 -33.39
N ARG A 276 -18.17 -28.41 -32.86
CA ARG A 276 -17.68 -28.84 -31.55
C ARG A 276 -16.18 -29.10 -31.55
N ALA A 277 -15.64 -29.47 -32.71
CA ALA A 277 -14.20 -29.61 -32.88
C ALA A 277 -13.52 -28.26 -32.75
N VAL A 278 -14.13 -27.24 -33.36
CA VAL A 278 -13.62 -25.87 -33.25
C VAL A 278 -13.69 -25.42 -31.80
N GLN A 279 -14.85 -25.63 -31.16
CA GLN A 279 -15.04 -25.32 -29.74
C GLN A 279 -13.92 -25.93 -28.85
N LYS A 280 -13.55 -27.18 -29.15
CA LYS A 280 -12.45 -27.84 -28.44
C LYS A 280 -11.11 -27.19 -28.71
N LEU A 281 -10.80 -26.94 -29.98
CA LEU A 281 -9.53 -26.29 -30.35
C LEU A 281 -9.42 -24.91 -29.70
N ARG A 282 -10.53 -24.17 -29.64
CA ARG A 282 -10.53 -22.86 -29.00
C ARG A 282 -10.19 -22.95 -27.53
N ARG A 283 -10.84 -23.88 -26.82
CA ARG A 283 -10.61 -24.02 -25.38
C ARG A 283 -9.13 -24.30 -25.09
N GLU A 284 -8.51 -25.11 -25.96
CA GLU A 284 -7.11 -25.53 -25.77
C GLU A 284 -6.13 -24.46 -26.24
N VAL A 285 -6.50 -23.71 -27.26
CA VAL A 285 -5.67 -22.62 -27.72
C VAL A 285 -5.57 -21.55 -26.62
N GLU A 286 -6.69 -21.23 -25.99
CA GLU A 286 -6.70 -20.19 -24.96
C GLU A 286 -5.82 -20.61 -23.80
N LYS A 287 -5.90 -21.90 -23.44
CA LYS A 287 -5.11 -22.49 -22.37
C LYS A 287 -3.61 -22.45 -22.66
N ALA A 288 -3.25 -22.75 -23.90
CA ALA A 288 -1.84 -22.72 -24.35
C ALA A 288 -1.29 -21.31 -24.38
N LYS A 289 -2.05 -20.40 -24.98
CA LYS A 289 -1.70 -19.00 -24.98
C LYS A 289 -1.26 -18.56 -23.60
N ARG A 290 -2.09 -18.87 -22.60
CA ARG A 290 -1.79 -18.47 -21.24
C ARG A 290 -0.50 -19.11 -20.73
N ALA A 291 -0.26 -20.36 -21.10
CA ALA A 291 0.99 -21.04 -20.67
C ALA A 291 2.22 -20.35 -21.29
N LEU A 292 2.07 -19.84 -22.50
CA LEU A 292 3.19 -19.17 -23.18
C LEU A 292 3.58 -17.79 -22.60
N SER A 293 2.76 -17.26 -21.70
CA SER A 293 3.19 -16.09 -20.92
C SER A 293 4.28 -16.41 -19.88
N SER A 294 4.50 -17.71 -19.60
CA SER A 294 5.52 -18.10 -18.66
C SER A 294 6.39 -19.32 -19.08
N GLN A 295 6.14 -19.88 -20.26
CA GLN A 295 7.01 -20.90 -20.88
C GLN A 295 7.28 -20.53 -22.35
N HIS A 296 8.18 -21.23 -22.98
CA HIS A 296 8.56 -20.91 -24.36
C HIS A 296 7.88 -21.76 -25.42
N GLN A 297 7.24 -22.85 -24.98
CA GLN A 297 6.46 -23.74 -25.87
C GLN A 297 5.32 -24.42 -25.11
N ALA A 298 4.27 -24.78 -25.83
CA ALA A 298 3.13 -25.44 -25.20
C ALA A 298 2.59 -26.50 -26.15
N ARG A 299 2.09 -27.61 -25.61
CA ARG A 299 1.52 -28.67 -26.43
C ARG A 299 -0.02 -28.63 -26.41
N ILE A 300 -0.63 -28.72 -27.58
CA ILE A 300 -2.08 -28.80 -27.72
C ILE A 300 -2.44 -30.23 -28.11
N GLU A 301 -3.32 -30.84 -27.31
CA GLU A 301 -3.71 -32.24 -27.46
C GLU A 301 -5.22 -32.40 -27.38
N ILE A 302 -5.82 -32.98 -28.43
CA ILE A 302 -7.25 -33.21 -28.45
C ILE A 302 -7.56 -34.63 -28.95
N GLU A 303 -8.14 -35.42 -28.05
CA GLU A 303 -8.59 -36.78 -28.35
C GLU A 303 -9.77 -36.72 -29.34
N SER A 304 -9.86 -37.73 -30.21
CA SER A 304 -10.83 -37.79 -31.32
C SER A 304 -11.27 -36.40 -31.79
N PHE A 305 -10.31 -35.66 -32.33
CA PHE A 305 -10.50 -34.25 -32.71
C PHE A 305 -11.47 -34.07 -33.86
N TYR A 306 -11.19 -34.75 -34.96
CA TYR A 306 -11.99 -34.65 -36.16
C TYR A 306 -12.01 -35.97 -36.92
N GLU A 307 -13.23 -36.49 -37.13
CA GLU A 307 -13.46 -37.78 -37.77
C GLU A 307 -12.74 -38.93 -37.06
N GLY A 308 -12.75 -38.88 -35.74
CA GLY A 308 -12.14 -39.91 -34.89
C GLY A 308 -10.63 -39.79 -34.72
N GLU A 309 -10.01 -38.84 -35.41
CA GLU A 309 -8.56 -38.70 -35.45
C GLU A 309 -8.04 -37.71 -34.37
N ASP A 310 -6.81 -37.94 -33.91
CA ASP A 310 -6.24 -37.23 -32.78
C ASP A 310 -5.52 -35.99 -33.24
N PHE A 311 -5.55 -34.96 -32.39
CA PHE A 311 -4.80 -33.75 -32.64
C PHE A 311 -3.75 -33.62 -31.56
N SER A 312 -2.50 -33.45 -32.00
CA SER A 312 -1.38 -33.16 -31.11
C SER A 312 -0.41 -32.22 -31.80
N GLU A 313 -0.32 -30.97 -31.31
CA GLU A 313 0.61 -29.99 -31.87
C GLU A 313 1.21 -29.11 -30.79
N THR A 314 2.36 -28.54 -31.10
CA THR A 314 3.04 -27.64 -30.20
C THR A 314 3.00 -26.24 -30.81
N LEU A 315 3.00 -25.24 -29.94
CA LEU A 315 3.08 -23.85 -30.33
C LEU A 315 4.16 -23.19 -29.51
N THR A 316 5.11 -22.52 -30.17
CA THR A 316 6.22 -21.84 -29.49
C THR A 316 5.83 -20.43 -29.20
N ARG A 317 6.58 -19.79 -28.29
CA ARG A 317 6.32 -18.40 -27.97
C ARG A 317 6.60 -17.53 -29.17
N ALA A 318 7.67 -17.82 -29.89
CA ALA A 318 8.04 -16.99 -31.03
C ALA A 318 6.96 -17.01 -32.12
N LYS A 319 6.32 -18.16 -32.31
CA LYS A 319 5.29 -18.28 -33.37
C LYS A 319 4.02 -17.55 -32.94
N PHE A 320 3.64 -17.67 -31.67
CA PHE A 320 2.50 -16.93 -31.14
C PHE A 320 2.68 -15.41 -31.39
N GLU A 321 3.91 -14.92 -31.19
CA GLU A 321 4.22 -13.51 -31.42
C GLU A 321 4.18 -13.14 -32.92
N GLU A 322 4.74 -13.99 -33.77
CA GLU A 322 4.72 -13.78 -35.23
C GLU A 322 3.28 -13.63 -35.71
N LEU A 323 2.41 -14.53 -35.26
CA LEU A 323 1.04 -14.62 -35.72
C LEU A 323 0.21 -13.38 -35.36
N ASN A 324 0.66 -12.68 -34.32
CA ASN A 324 -0.08 -11.57 -33.74
C ASN A 324 0.66 -10.23 -33.74
N MET A 325 1.87 -10.17 -34.32
CA MET A 325 2.70 -8.97 -34.14
C MET A 325 2.01 -7.68 -34.60
N ASP A 326 1.29 -7.73 -35.73
CA ASP A 326 0.60 -6.55 -36.25
C ASP A 326 -0.45 -6.06 -35.25
N LEU A 327 -1.15 -7.00 -34.63
CA LEU A 327 -2.18 -6.67 -33.67
C LEU A 327 -1.55 -6.05 -32.42
N PHE A 328 -0.45 -6.64 -31.94
CA PHE A 328 0.34 -6.10 -30.81
C PHE A 328 0.82 -4.66 -31.12
N ARG A 329 1.43 -4.46 -32.29
CA ARG A 329 1.93 -3.13 -32.65
C ARG A 329 0.81 -2.10 -32.76
N SER A 330 -0.39 -2.54 -33.14
CA SER A 330 -1.53 -1.63 -33.33
C SER A 330 -1.96 -0.96 -32.03
N THR A 331 -1.62 -1.56 -30.89
CA THR A 331 -1.98 -0.96 -29.59
C THR A 331 -1.32 0.39 -29.30
N MET A 332 -0.24 0.74 -30.00
CA MET A 332 0.53 1.96 -29.68
C MET A 332 -0.15 3.23 -30.22
N LYS A 333 -0.90 3.08 -31.32
CA LYS A 333 -1.52 4.22 -31.99
C LYS A 333 -2.51 4.96 -31.07
N PRO A 334 -3.39 4.22 -30.34
CA PRO A 334 -4.27 4.91 -29.36
C PRO A 334 -3.57 5.56 -28.15
N VAL A 335 -2.39 5.04 -27.79
CA VAL A 335 -1.54 5.67 -26.74
C VAL A 335 -1.00 7.00 -27.21
N GLN A 336 -0.48 7.01 -28.42
CA GLN A 336 -0.06 8.24 -29.08
C GLN A 336 -1.24 9.24 -29.13
N LYS A 337 -2.43 8.76 -29.50
CA LYS A 337 -3.60 9.65 -29.62
C LYS A 337 -4.10 10.24 -28.28
N VAL A 338 -4.04 9.48 -27.18
CA VAL A 338 -4.45 10.05 -25.87
C VAL A 338 -3.45 11.10 -25.40
N LEU A 339 -2.16 10.88 -25.70
CA LEU A 339 -1.13 11.87 -25.37
C LEU A 339 -1.41 13.21 -26.11
N GLU A 340 -1.67 13.12 -27.41
CA GLU A 340 -2.06 14.30 -28.22
C GLU A 340 -3.27 15.04 -27.67
N ASP A 341 -4.36 14.30 -27.43
CA ASP A 341 -5.60 14.88 -26.93
C ASP A 341 -5.42 15.50 -25.54
N SER A 342 -4.54 14.93 -24.72
CA SER A 342 -4.16 15.47 -23.42
C SER A 342 -3.03 16.56 -23.50
N ASP A 343 -2.59 16.91 -24.71
CA ASP A 343 -1.45 17.82 -24.91
C ASP A 343 -0.22 17.45 -24.03
N LEU A 344 0.14 16.17 -24.01
CA LEU A 344 1.32 15.70 -23.28
C LEU A 344 2.26 14.92 -24.20
N LYS A 345 3.53 14.86 -23.79
CA LYS A 345 4.53 14.02 -24.43
C LYS A 345 4.85 12.85 -23.48
N LYS A 346 5.59 11.87 -23.98
CA LYS A 346 5.94 10.66 -23.19
C LYS A 346 6.57 10.99 -21.85
N SER A 347 7.52 11.91 -21.85
CA SER A 347 8.24 12.28 -20.62
C SER A 347 7.34 12.94 -19.56
N ASP A 348 6.13 13.33 -19.94
CA ASP A 348 5.15 13.86 -18.97
C ASP A 348 4.41 12.76 -18.19
N ILE A 349 4.57 11.51 -18.60
CA ILE A 349 3.89 10.41 -17.91
C ILE A 349 4.69 9.91 -16.70
N ASP A 350 4.08 10.03 -15.51
CA ASP A 350 4.74 9.74 -14.23
C ASP A 350 4.54 8.28 -13.80
N GLU A 351 3.44 7.69 -14.26
CA GLU A 351 3.08 6.30 -13.89
C GLU A 351 2.39 5.62 -15.06
N ILE A 352 2.76 4.36 -15.27
CA ILE A 352 2.19 3.49 -16.30
C ILE A 352 1.59 2.27 -15.57
N VAL A 353 0.28 2.08 -15.76
CA VAL A 353 -0.45 1.01 -15.12
C VAL A 353 -0.95 0.07 -16.22
N LEU A 354 -0.44 -1.17 -16.21
CA LEU A 354 -0.90 -2.26 -17.09
C LEU A 354 -2.06 -3.02 -16.49
N VAL A 355 -3.16 -3.09 -17.20
CA VAL A 355 -4.40 -3.69 -16.72
C VAL A 355 -4.89 -4.67 -17.79
N GLY A 356 -5.56 -5.75 -17.37
CA GLY A 356 -6.17 -6.71 -18.29
C GLY A 356 -5.34 -7.95 -18.49
N GLY A 357 -6.02 -9.07 -18.68
CA GLY A 357 -5.37 -10.39 -18.76
C GLY A 357 -4.33 -10.49 -19.86
N SER A 358 -4.55 -9.76 -20.95
CA SER A 358 -3.67 -9.84 -22.09
C SER A 358 -2.35 -9.11 -21.83
N THR A 359 -2.31 -8.23 -20.82
CA THR A 359 -1.03 -7.59 -20.48
C THR A 359 -0.06 -8.56 -19.82
N ARG A 360 -0.51 -9.79 -19.54
CA ARG A 360 0.41 -10.84 -19.08
C ARG A 360 1.37 -11.33 -20.17
N ILE A 361 1.04 -11.04 -21.44
CA ILE A 361 1.89 -11.43 -22.58
C ILE A 361 3.24 -10.68 -22.57
N PRO A 362 4.37 -11.41 -22.50
CA PRO A 362 5.69 -10.75 -22.48
C PRO A 362 5.90 -9.67 -23.56
N LYS A 363 5.47 -9.94 -24.79
CA LYS A 363 5.67 -9.02 -25.88
C LYS A 363 4.84 -7.73 -25.73
N ILE A 364 3.67 -7.82 -25.12
CA ILE A 364 2.87 -6.62 -24.82
C ILE A 364 3.65 -5.79 -23.79
N GLN A 365 4.16 -6.44 -22.75
CA GLN A 365 4.97 -5.74 -21.74
C GLN A 365 6.21 -5.06 -22.34
N GLN A 366 6.92 -5.78 -23.21
CA GLN A 366 8.09 -5.24 -23.86
C GLN A 366 7.74 -4.02 -24.71
N LEU A 367 6.65 -4.10 -25.46
CA LEU A 367 6.28 -3.05 -26.41
C LEU A 367 5.93 -1.73 -25.71
N VAL A 368 5.24 -1.83 -24.58
CA VAL A 368 4.82 -0.65 -23.82
C VAL A 368 6.04 0.01 -23.18
N LYS A 369 6.96 -0.81 -22.66
CA LYS A 369 8.17 -0.30 -22.06
C LYS A 369 9.02 0.45 -23.09
N GLU A 370 9.14 -0.14 -24.28
CA GLU A 370 9.89 0.49 -25.38
C GLU A 370 9.26 1.80 -25.83
N PHE A 371 7.94 1.82 -25.96
CA PHE A 371 7.23 3.04 -26.30
C PHE A 371 7.58 4.16 -25.31
N PHE A 372 7.68 3.82 -24.02
CA PHE A 372 8.03 4.81 -22.99
C PHE A 372 9.53 4.85 -22.66
N ASN A 373 10.35 4.47 -23.65
CA ASN A 373 11.82 4.56 -23.58
C ASN A 373 12.47 3.90 -22.35
N GLY A 374 11.93 2.77 -21.92
CA GLY A 374 12.55 1.97 -20.85
C GLY A 374 11.89 2.11 -19.49
N LYS A 375 10.87 2.96 -19.39
CA LYS A 375 10.19 3.17 -18.12
C LYS A 375 9.42 1.92 -17.72
N GLU A 376 9.73 1.39 -16.53
CA GLU A 376 9.01 0.24 -15.98
C GLU A 376 7.62 0.67 -15.54
N PRO A 377 6.59 -0.13 -15.83
CA PRO A 377 5.26 0.17 -15.34
C PRO A 377 5.12 -0.25 -13.88
N SER A 378 3.99 0.09 -13.26
CA SER A 378 3.69 -0.43 -11.92
C SER A 378 3.63 -1.96 -11.97
N ARG A 379 3.97 -2.64 -10.89
CA ARG A 379 3.79 -4.11 -10.87
C ARG A 379 3.64 -4.67 -9.46
N GLY A 380 2.99 -5.82 -9.35
CA GLY A 380 2.77 -6.46 -8.05
C GLY A 380 1.36 -6.97 -7.84
N ILE A 381 0.44 -6.56 -8.70
CA ILE A 381 -0.94 -6.98 -8.65
C ILE A 381 -1.28 -7.65 -9.97
N ASN A 382 -1.85 -8.85 -9.94
CA ASN A 382 -2.21 -9.52 -11.18
C ASN A 382 -3.07 -8.59 -12.03
N PRO A 383 -2.71 -8.41 -13.31
CA PRO A 383 -3.39 -7.38 -14.07
C PRO A 383 -4.91 -7.64 -14.34
N ASP A 384 -5.38 -8.90 -14.31
CA ASP A 384 -6.82 -9.19 -14.46
C ASP A 384 -7.59 -9.05 -13.15
N GLU A 385 -6.86 -8.78 -12.08
CA GLU A 385 -7.50 -8.62 -10.77
C GLU A 385 -7.44 -7.19 -10.24
N ALA A 386 -6.59 -6.34 -10.82
CA ALA A 386 -6.33 -5.00 -10.30
C ALA A 386 -7.56 -4.11 -10.22
N VAL A 387 -8.46 -4.18 -11.21
CA VAL A 387 -9.71 -3.38 -11.19
C VAL A 387 -10.62 -3.75 -10.01
N ALA A 388 -10.84 -5.05 -9.79
CA ALA A 388 -11.61 -5.52 -8.63
C ALA A 388 -10.88 -5.15 -7.35
N TYR A 389 -9.54 -5.24 -7.35
CA TYR A 389 -8.73 -4.90 -6.19
C TYR A 389 -9.05 -3.47 -5.72
N GLY A 390 -8.99 -2.51 -6.65
CA GLY A 390 -9.26 -1.13 -6.31
C GLY A 390 -10.69 -0.92 -5.87
N ALA A 391 -11.61 -1.61 -6.51
CA ALA A 391 -13.01 -1.58 -6.07
C ALA A 391 -13.15 -2.07 -4.63
N ALA A 392 -12.38 -3.09 -4.29
CA ALA A 392 -12.38 -3.65 -2.93
C ALA A 392 -11.77 -2.70 -1.92
N VAL A 393 -10.70 -2.01 -2.29
CA VAL A 393 -10.09 -0.95 -1.48
C VAL A 393 -11.16 0.08 -1.08
N GLN A 394 -11.92 0.58 -2.05
CA GLN A 394 -12.99 1.55 -1.74
C GLN A 394 -14.10 0.93 -0.90
N ALA A 395 -14.45 -0.32 -1.22
CA ALA A 395 -15.50 -1.05 -0.45
C ALA A 395 -15.10 -1.26 1.01
N GLY A 396 -13.80 -1.42 1.25
CA GLY A 396 -13.29 -1.60 2.61
C GLY A 396 -13.52 -0.38 3.48
N VAL A 397 -13.24 0.80 2.92
CA VAL A 397 -13.51 2.07 3.62
C VAL A 397 -15.02 2.24 3.82
N LEU A 398 -15.82 1.81 2.85
CA LEU A 398 -17.30 1.94 2.97
C LEU A 398 -17.91 0.95 3.96
N SER A 399 -17.19 -0.15 4.25
CA SER A 399 -17.64 -1.13 5.23
C SER A 399 -17.33 -0.62 6.66
N GLY A 400 -16.27 0.17 6.81
CA GLY A 400 -15.93 0.81 8.06
C GLY A 400 -15.47 -0.18 9.11
N VAL B 20 -11.22 -7.06 23.81
CA VAL B 20 -9.98 -6.28 23.53
C VAL B 20 -10.27 -4.82 23.16
N GLY B 21 -11.49 -4.55 22.68
CA GLY B 21 -11.89 -3.20 22.31
C GLY B 21 -11.15 -2.75 21.06
N THR B 22 -10.80 -1.48 21.00
CA THR B 22 -9.91 -0.99 19.95
C THR B 22 -8.47 -1.08 20.46
N VAL B 23 -7.69 -1.95 19.83
CA VAL B 23 -6.30 -2.14 20.21
C VAL B 23 -5.51 -0.96 19.62
N VAL B 24 -4.58 -0.40 20.39
CA VAL B 24 -3.74 0.69 19.91
C VAL B 24 -2.35 0.16 19.56
N GLY B 25 -1.69 0.85 18.62
CA GLY B 25 -0.32 0.56 18.21
C GLY B 25 0.56 1.69 18.75
N ILE B 26 1.56 1.32 19.53
CA ILE B 26 2.41 2.32 20.17
C ILE B 26 3.90 2.12 19.81
N ASP B 27 4.52 3.21 19.30
CA ASP B 27 5.98 3.28 19.17
C ASP B 27 6.47 3.98 20.47
N LEU B 28 7.16 3.23 21.33
CA LEU B 28 7.75 3.77 22.55
C LEU B 28 9.21 4.11 22.28
N GLY B 29 9.50 5.37 21.96
CA GLY B 29 10.84 5.75 21.53
C GLY B 29 11.76 6.22 22.64
N THR B 30 13.06 6.27 22.35
CA THR B 30 13.99 6.80 23.33
C THR B 30 13.69 8.25 23.67
N THR B 31 13.40 9.02 22.62
CA THR B 31 13.15 10.45 22.75
C THR B 31 11.67 10.87 22.43
N TYR B 32 11.01 10.20 21.48
CA TYR B 32 9.65 10.52 21.10
C TYR B 32 8.82 9.29 20.87
N SER B 33 7.59 9.31 21.39
CA SER B 33 6.64 8.21 21.23
C SER B 33 5.43 8.61 20.36
N CYS B 34 4.79 7.60 19.78
CA CYS B 34 3.72 7.87 18.80
C CYS B 34 2.67 6.75 18.94
N VAL B 35 1.40 7.12 18.86
CA VAL B 35 0.28 6.16 18.98
C VAL B 35 -0.70 6.26 17.79
N GLY B 36 -1.09 5.11 17.26
CA GLY B 36 -2.05 5.01 16.17
C GLY B 36 -3.12 3.96 16.44
N VAL B 37 -4.21 4.03 15.65
CA VAL B 37 -5.29 3.02 15.63
C VAL B 37 -5.79 2.76 14.19
N PHE B 38 -6.55 1.69 14.00
CA PHE B 38 -7.15 1.40 12.69
C PHE B 38 -8.64 1.68 12.83
N LYS B 39 -9.15 2.66 12.11
CA LYS B 39 -10.49 3.12 12.33
C LYS B 39 -11.08 3.48 10.99
N ASN B 40 -12.28 2.96 10.72
CA ASN B 40 -12.96 3.17 9.44
C ASN B 40 -12.12 2.83 8.22
N GLY B 41 -11.38 1.74 8.31
CA GLY B 41 -10.70 1.19 7.15
C GLY B 41 -9.31 1.71 6.86
N ARG B 42 -8.72 2.48 7.77
CA ARG B 42 -7.36 3.00 7.59
C ARG B 42 -6.72 3.26 8.93
N VAL B 43 -5.41 3.38 8.93
CA VAL B 43 -4.67 3.81 10.11
C VAL B 43 -4.87 5.31 10.35
N GLU B 44 -5.02 5.67 11.63
CA GLU B 44 -5.08 7.06 12.07
C GLU B 44 -4.00 7.26 13.11
N ILE B 45 -3.09 8.20 12.87
CA ILE B 45 -2.11 8.57 13.89
C ILE B 45 -2.71 9.70 14.71
N ILE B 46 -2.64 9.55 16.01
CA ILE B 46 -3.42 10.39 16.91
C ILE B 46 -2.57 11.50 17.52
N ALA B 47 -3.03 12.73 17.37
CA ALA B 47 -2.34 13.85 17.98
C ALA B 47 -2.69 13.97 19.46
N ASN B 48 -1.72 14.46 20.23
CA ASN B 48 -1.87 14.65 21.68
C ASN B 48 -2.58 15.99 22.00
N ASP B 49 -2.72 16.29 23.29
CA ASP B 49 -3.43 17.48 23.76
C ASP B 49 -2.75 18.80 23.34
N GLN B 50 -1.48 18.72 22.95
CA GLN B 50 -0.74 19.89 22.49
C GLN B 50 -0.75 19.99 20.97
N GLY B 51 -1.45 19.05 20.33
CA GLY B 51 -1.62 19.08 18.89
C GLY B 51 -0.50 18.40 18.12
N ASN B 52 0.34 17.63 18.82
CA ASN B 52 1.51 16.98 18.19
C ASN B 52 1.32 15.48 17.99
N ARG B 53 1.67 14.98 16.80
CA ARG B 53 1.52 13.56 16.47
C ARG B 53 2.64 12.65 17.03
N ILE B 54 3.59 13.26 17.74
CA ILE B 54 4.61 12.55 18.52
C ILE B 54 4.69 13.26 19.87
N THR B 55 5.02 12.51 20.92
CA THR B 55 5.11 12.98 22.30
C THR B 55 6.48 12.65 22.87
N PRO B 56 7.15 13.63 23.51
CA PRO B 56 8.44 13.34 24.14
C PRO B 56 8.31 12.30 25.27
N SER B 57 9.31 11.42 25.37
CA SER B 57 9.34 10.35 26.32
C SER B 57 9.99 10.89 27.62
N TYR B 58 9.30 11.84 28.24
CA TYR B 58 9.82 12.76 29.29
C TYR B 58 8.81 12.84 30.42
N VAL B 59 9.34 12.90 31.66
CA VAL B 59 8.51 13.05 32.86
C VAL B 59 9.17 14.12 33.70
N ALA B 60 8.38 14.96 34.35
CA ALA B 60 8.92 15.89 35.33
C ALA B 60 7.95 16.03 36.46
N PHE B 61 8.43 16.57 37.57
CA PHE B 61 7.61 16.76 38.78
C PHE B 61 7.81 18.16 39.25
N THR B 62 6.72 18.87 39.53
CA THR B 62 6.79 20.26 39.97
C THR B 62 6.98 20.33 41.48
N PRO B 63 7.31 21.52 42.03
CA PRO B 63 7.47 21.60 43.49
C PRO B 63 6.16 21.37 44.26
N GLU B 64 5.01 21.68 43.62
CA GLU B 64 3.69 21.41 44.20
C GLU B 64 3.35 19.93 44.25
N GLY B 65 4.09 19.10 43.54
CA GLY B 65 3.84 17.66 43.48
C GLY B 65 3.21 17.21 42.18
N GLU B 66 2.96 18.13 41.24
CA GLU B 66 2.33 17.75 39.97
C GLU B 66 3.25 16.87 39.09
N ARG B 67 2.68 15.86 38.46
N ARG B 67 2.67 15.86 38.45
CA ARG B 67 3.43 14.98 37.58
CA ARG B 67 3.41 15.00 37.57
C ARG B 67 3.13 15.44 36.17
C ARG B 67 3.13 15.46 36.17
N LEU B 68 4.19 15.83 35.44
CA LEU B 68 4.10 16.25 34.04
C LEU B 68 4.63 15.13 33.13
N ILE B 69 3.96 14.89 32.01
CA ILE B 69 4.38 13.86 31.06
C ILE B 69 4.30 14.46 29.65
N GLY B 70 5.31 14.14 28.83
CA GLY B 70 5.32 14.56 27.45
C GLY B 70 5.83 15.96 27.24
N ASP B 71 5.14 16.72 26.37
CA ASP B 71 5.60 18.04 25.97
C ASP B 71 5.73 18.98 27.18
N ALA B 72 4.77 18.87 28.08
CA ALA B 72 4.72 19.75 29.26
C ALA B 72 5.98 19.55 30.12
N ALA B 73 6.40 18.29 30.24
CA ALA B 73 7.57 17.93 31.00
C ALA B 73 8.82 18.44 30.32
N LYS B 74 8.87 18.26 29.00
CA LYS B 74 10.06 18.61 28.22
C LYS B 74 10.25 20.10 28.14
N ASN B 75 9.15 20.82 28.07
CA ASN B 75 9.19 22.26 27.83
C ASN B 75 9.17 23.09 29.11
N GLN B 76 9.04 22.46 30.25
CA GLN B 76 9.10 23.16 31.53
C GLN B 76 10.49 23.78 31.73
N LEU B 77 10.54 25.08 31.97
CA LEU B 77 11.80 25.74 32.36
C LEU B 77 12.16 25.44 33.84
N THR B 78 13.40 24.99 34.05
CA THR B 78 13.85 24.46 35.35
C THR B 78 15.28 24.94 35.63
N SER B 79 15.61 25.12 36.92
CA SER B 79 17.00 25.27 37.38
C SER B 79 17.49 24.00 38.09
N ASN B 80 16.69 22.93 38.01
CA ASN B 80 17.09 21.61 38.52
C ASN B 80 16.83 20.54 37.47
N PRO B 81 17.74 20.38 36.52
CA PRO B 81 17.53 19.27 35.60
C PRO B 81 17.47 17.90 36.27
N GLU B 82 17.64 17.81 37.60
CA GLU B 82 17.74 16.49 38.23
C GLU B 82 16.38 15.88 38.67
N ASN B 83 15.29 16.65 38.60
CA ASN B 83 13.94 16.09 38.81
C ASN B 83 13.11 15.89 37.52
N THR B 84 13.78 15.93 36.37
CA THR B 84 13.17 15.66 35.06
C THR B 84 13.80 14.33 34.62
N VAL B 85 13.02 13.44 34.04
CA VAL B 85 13.49 12.08 33.72
C VAL B 85 13.22 11.81 32.24
N PHE B 86 14.20 11.24 31.55
CA PHE B 86 14.10 10.93 30.13
C PHE B 86 15.10 9.79 29.85
N ASP B 87 15.13 9.30 28.60
CA ASP B 87 16.08 8.23 28.20
C ASP B 87 15.92 6.94 29.05
N ALA B 88 14.76 6.72 29.63
CA ALA B 88 14.53 5.46 30.39
C ALA B 88 14.71 4.19 29.51
N LYS B 89 14.49 4.31 28.20
CA LYS B 89 14.68 3.23 27.26
C LYS B 89 16.15 2.77 27.21
N ARG B 90 17.10 3.67 27.53
CA ARG B 90 18.54 3.25 27.68
C ARG B 90 18.80 2.30 28.86
N LEU B 91 17.89 2.31 29.83
CA LEU B 91 18.03 1.55 31.08
C LEU B 91 17.08 0.38 31.24
N ILE B 92 15.98 0.40 30.49
CA ILE B 92 14.91 -0.62 30.66
C ILE B 92 15.42 -2.06 30.36
N GLY B 93 15.02 -2.97 31.22
CA GLY B 93 15.46 -4.37 31.12
C GLY B 93 16.93 -4.67 31.35
N ARG B 94 17.65 -3.73 31.97
CA ARG B 94 19.08 -3.90 32.24
C ARG B 94 19.37 -3.92 33.74
N THR B 95 20.44 -4.61 34.12
CA THR B 95 20.88 -4.65 35.51
C THR B 95 21.64 -3.36 35.84
N TRP B 96 21.69 -3.00 37.12
CA TRP B 96 22.47 -1.85 37.63
C TRP B 96 23.91 -1.93 37.16
N ASN B 97 24.52 -3.11 37.29
CA ASN B 97 25.94 -3.27 36.94
C ASN B 97 26.26 -3.60 35.47
N ASP B 98 25.25 -3.69 34.60
CA ASP B 98 25.48 -3.74 33.14
C ASP B 98 26.45 -2.60 32.74
N PRO B 99 27.56 -2.93 32.04
CA PRO B 99 28.49 -1.86 31.66
C PRO B 99 27.86 -0.73 30.86
N SER B 100 26.82 -1.03 30.06
CA SER B 100 26.14 -0.01 29.27
C SER B 100 25.45 1.02 30.18
N VAL B 101 24.85 0.52 31.26
CA VAL B 101 24.19 1.34 32.26
C VAL B 101 25.22 2.22 32.99
N GLN B 102 26.27 1.58 33.49
CA GLN B 102 27.33 2.29 34.17
C GLN B 102 27.96 3.41 33.32
N GLN B 103 28.02 3.19 32.02
CA GLN B 103 28.48 4.24 31.12
C GLN B 103 27.40 5.35 30.97
N ASP B 104 26.14 4.97 30.71
CA ASP B 104 25.06 5.97 30.51
C ASP B 104 24.76 6.88 31.70
N ILE B 105 24.76 6.34 32.91
CA ILE B 105 24.52 7.19 34.10
C ILE B 105 25.53 8.35 34.25
N LYS B 106 26.71 8.21 33.67
CA LYS B 106 27.67 9.32 33.66
C LYS B 106 27.17 10.57 32.91
N PHE B 107 26.27 10.38 31.96
CA PHE B 107 25.79 11.47 31.11
C PHE B 107 24.35 11.90 31.43
N LEU B 108 23.70 11.24 32.39
CA LEU B 108 22.33 11.55 32.75
C LEU B 108 22.30 12.47 33.98
N PRO B 109 21.51 13.57 33.93
CA PRO B 109 21.55 14.57 35.00
C PRO B 109 20.69 14.24 36.21
N PHE B 110 19.89 13.20 36.11
CA PHE B 110 19.10 12.73 37.26
C PHE B 110 19.81 11.57 37.94
N LYS B 111 19.45 11.35 39.21
CA LYS B 111 20.08 10.32 40.04
C LYS B 111 19.60 8.91 39.63
N VAL B 112 20.57 8.01 39.40
CA VAL B 112 20.27 6.58 39.20
C VAL B 112 20.98 5.81 40.30
N VAL B 113 20.24 4.95 40.99
CA VAL B 113 20.76 4.23 42.13
C VAL B 113 20.45 2.73 41.98
N GLU B 114 21.23 1.90 42.67
CA GLU B 114 21.06 0.45 42.61
C GLU B 114 19.94 0.04 43.51
N LYS B 115 18.92 -0.63 42.97
CA LYS B 115 17.85 -1.17 43.80
C LYS B 115 17.25 -2.45 43.17
N LYS B 116 17.10 -3.50 43.97
CA LYS B 116 16.68 -4.83 43.50
C LYS B 116 17.39 -5.26 42.20
N THR B 117 18.72 -5.08 42.21
CA THR B 117 19.63 -5.42 41.10
C THR B 117 19.55 -4.47 39.89
N LYS B 118 18.66 -3.49 39.94
CA LYS B 118 18.29 -2.70 38.78
C LYS B 118 18.66 -1.22 38.97
N PRO B 119 18.80 -0.49 37.86
CA PRO B 119 19.06 0.94 37.96
C PRO B 119 17.74 1.74 38.18
N TYR B 120 17.46 2.08 39.42
CA TYR B 120 16.26 2.85 39.72
C TYR B 120 16.56 4.34 39.63
N ILE B 121 15.57 5.09 39.20
CA ILE B 121 15.66 6.57 39.11
C ILE B 121 15.14 7.22 40.37
N GLN B 122 15.95 8.09 40.96
CA GLN B 122 15.60 8.75 42.19
C GLN B 122 15.39 10.23 41.91
N VAL B 123 14.21 10.73 42.29
CA VAL B 123 13.87 12.15 42.14
C VAL B 123 13.03 12.68 43.34
N ASP B 124 12.99 14.00 43.48
CA ASP B 124 12.12 14.68 44.47
C ASP B 124 10.81 15.03 43.76
N ILE B 125 9.70 14.44 44.19
CA ILE B 125 8.41 14.65 43.50
C ILE B 125 7.79 16.00 43.90
N GLY B 126 7.83 16.31 45.19
CA GLY B 126 7.33 17.58 45.69
C GLY B 126 7.61 17.67 47.18
N GLY B 127 7.76 18.89 47.69
CA GLY B 127 7.96 19.12 49.12
C GLY B 127 9.17 18.42 49.72
N GLY B 128 10.19 18.16 48.91
CA GLY B 128 11.38 17.46 49.39
C GLY B 128 11.15 15.98 49.68
N GLN B 129 10.15 15.39 49.06
CA GLN B 129 9.87 13.95 49.18
C GLN B 129 10.65 13.24 48.10
N THR B 130 11.42 12.24 48.48
CA THR B 130 12.23 11.50 47.53
C THR B 130 11.48 10.21 47.18
N LYS B 131 11.51 9.85 45.90
CA LYS B 131 10.92 8.61 45.39
C LYS B 131 11.84 7.96 44.38
N THR B 132 11.86 6.64 44.39
CA THR B 132 12.64 5.87 43.43
C THR B 132 11.71 5.11 42.48
N PHE B 133 12.00 5.18 41.18
CA PHE B 133 11.20 4.50 40.15
C PHE B 133 12.06 3.56 39.33
N ALA B 134 11.53 2.36 39.05
CA ALA B 134 12.18 1.46 38.07
C ALA B 134 12.05 2.04 36.69
N PRO B 135 13.00 1.70 35.82
CA PRO B 135 12.89 2.22 34.46
C PRO B 135 11.54 1.91 33.80
N GLU B 136 11.01 0.71 34.04
CA GLU B 136 9.71 0.36 33.49
C GLU B 136 8.52 1.17 34.10
N GLU B 137 8.65 1.64 35.35
CA GLU B 137 7.69 2.60 35.91
C GLU B 137 7.72 3.97 35.20
N ILE B 138 8.91 4.46 34.84
CA ILE B 138 8.98 5.70 34.04
C ILE B 138 8.35 5.49 32.65
N SER B 139 8.70 4.39 32.00
CA SER B 139 8.08 4.05 30.72
C SER B 139 6.58 3.85 30.81
N ALA B 140 6.08 3.28 31.91
CA ALA B 140 4.65 3.18 32.14
C ALA B 140 3.98 4.54 32.18
N MET B 141 4.69 5.57 32.65
CA MET B 141 4.15 6.93 32.70
C MET B 141 3.98 7.44 31.28
N VAL B 142 4.99 7.19 30.43
CA VAL B 142 4.92 7.57 29.02
C VAL B 142 3.75 6.84 28.31
N LEU B 143 3.68 5.53 28.51
CA LEU B 143 2.57 4.71 27.99
C LEU B 143 1.18 5.16 28.46
N THR B 144 1.06 5.58 29.73
CA THR B 144 -0.20 6.11 30.25
C THR B 144 -0.62 7.36 29.46
N LYS B 145 0.34 8.24 29.17
CA LYS B 145 0.07 9.45 28.34
C LYS B 145 -0.36 9.08 26.90
N MET B 146 0.24 8.06 26.32
CA MET B 146 -0.12 7.62 24.96
C MET B 146 -1.51 7.00 24.99
N LYS B 147 -1.80 6.25 26.06
CA LYS B 147 -3.13 5.66 26.28
C LYS B 147 -4.23 6.72 26.39
N GLU B 148 -4.02 7.74 27.23
CA GLU B 148 -4.96 8.86 27.37
C GLU B 148 -5.15 9.67 26.07
N THR B 149 -4.08 9.80 25.28
CA THR B 149 -4.15 10.47 23.96
C THR B 149 -5.12 9.68 23.05
N ALA B 150 -4.99 8.37 23.04
CA ALA B 150 -5.88 7.52 22.26
C ALA B 150 -7.30 7.54 22.79
N GLU B 151 -7.44 7.51 24.10
CA GLU B 151 -8.75 7.47 24.72
C GLU B 151 -9.54 8.74 24.42
N ALA B 152 -8.87 9.89 24.38
CA ALA B 152 -9.52 11.16 24.05
C ALA B 152 -9.99 11.18 22.59
N TYR B 153 -9.19 10.62 21.71
CA TYR B 153 -9.57 10.46 20.29
C TYR B 153 -10.78 9.51 20.11
N LEU B 154 -10.74 8.34 20.77
CA LEU B 154 -11.75 7.28 20.55
C LEU B 154 -13.06 7.54 21.32
N GLY B 155 -12.96 8.28 22.42
CA GLY B 155 -14.13 8.50 23.28
C GLY B 155 -14.54 7.26 24.06
N LYS B 156 -13.57 6.39 24.33
CA LYS B 156 -13.78 5.19 25.13
C LYS B 156 -12.48 4.68 25.71
N LYS B 157 -12.59 3.76 26.67
CA LYS B 157 -11.41 3.18 27.33
C LYS B 157 -10.57 2.32 26.36
N VAL B 158 -9.25 2.38 26.50
CA VAL B 158 -8.30 1.51 25.80
C VAL B 158 -7.70 0.56 26.84
N THR B 159 -7.68 -0.73 26.52
CA THR B 159 -7.15 -1.77 27.42
C THR B 159 -6.01 -2.61 26.84
N HIS B 160 -5.82 -2.57 25.52
CA HIS B 160 -4.96 -3.53 24.84
C HIS B 160 -4.11 -2.79 23.80
N ALA B 161 -2.87 -3.26 23.65
CA ALA B 161 -1.89 -2.61 22.78
C ALA B 161 -0.96 -3.60 22.09
N VAL B 162 -0.45 -3.16 20.93
CA VAL B 162 0.77 -3.69 20.30
C VAL B 162 1.87 -2.63 20.50
N VAL B 163 3.01 -3.04 21.04
CA VAL B 163 4.11 -2.14 21.32
C VAL B 163 5.34 -2.63 20.59
N THR B 164 6.11 -1.67 20.08
CA THR B 164 7.31 -1.94 19.31
C THR B 164 8.58 -1.77 20.17
N VAL B 165 9.66 -2.48 19.79
CA VAL B 165 10.97 -2.41 20.48
C VAL B 165 12.06 -2.50 19.41
N PRO B 166 13.28 -2.07 19.73
CA PRO B 166 14.35 -2.27 18.72
C PRO B 166 14.61 -3.75 18.47
N ALA B 167 15.10 -4.11 17.26
CA ALA B 167 15.26 -5.52 16.89
C ALA B 167 16.27 -6.23 17.80
N TYR B 168 17.27 -5.49 18.26
CA TYR B 168 18.34 -6.03 19.08
C TYR B 168 17.93 -6.23 20.58
N PHE B 169 16.75 -5.76 21.01
CA PHE B 169 16.28 -6.00 22.40
C PHE B 169 16.26 -7.47 22.75
N ASN B 170 16.71 -7.78 23.95
CA ASN B 170 16.85 -9.14 24.42
C ASN B 170 15.64 -9.54 25.25
N ASP B 171 15.70 -10.69 25.91
CA ASP B 171 14.53 -11.22 26.65
C ASP B 171 14.11 -10.27 27.77
N ALA B 172 15.06 -9.81 28.59
CA ALA B 172 14.70 -8.94 29.71
C ALA B 172 14.18 -7.59 29.25
N GLN B 173 14.76 -7.03 28.19
CA GLN B 173 14.27 -5.76 27.67
C GLN B 173 12.85 -5.87 27.10
N ARG B 174 12.55 -6.97 26.39
CA ARG B 174 11.18 -7.20 25.89
C ARG B 174 10.15 -7.37 27.03
N GLN B 175 10.52 -8.17 28.03
CA GLN B 175 9.65 -8.36 29.20
C GLN B 175 9.41 -7.09 30.00
N ALA B 176 10.46 -6.32 30.28
CA ALA B 176 10.27 -5.08 31.01
C ALA B 176 9.37 -4.08 30.26
N THR B 177 9.41 -4.12 28.92
CA THR B 177 8.53 -3.28 28.09
C THR B 177 7.05 -3.70 28.27
N LYS B 178 6.81 -5.01 28.26
CA LYS B 178 5.48 -5.58 28.56
C LYS B 178 5.04 -5.17 29.95
N ASP B 179 5.95 -5.30 30.92
CA ASP B 179 5.65 -4.89 32.33
C ASP B 179 5.30 -3.40 32.40
N ALA B 180 5.99 -2.54 31.64
CA ALA B 180 5.62 -1.12 31.56
C ALA B 180 4.16 -0.94 31.15
N GLY B 181 3.74 -1.71 30.15
CA GLY B 181 2.35 -1.70 29.69
C GLY B 181 1.40 -2.11 30.77
N THR B 182 1.74 -3.19 31.45
CA THR B 182 0.93 -3.68 32.55
C THR B 182 0.71 -2.60 33.61
N ILE B 183 1.78 -1.95 34.03
CA ILE B 183 1.69 -0.87 35.05
C ILE B 183 0.77 0.26 34.56
N ALA B 184 0.78 0.50 33.26
CA ALA B 184 -0.02 1.57 32.61
C ALA B 184 -1.51 1.17 32.33
N GLY B 185 -1.90 -0.04 32.72
CA GLY B 185 -3.22 -0.54 32.39
C GLY B 185 -3.40 -1.05 30.96
N LEU B 186 -2.32 -1.46 30.30
CA LEU B 186 -2.40 -1.98 28.94
C LEU B 186 -2.00 -3.45 28.93
N ASN B 187 -2.83 -4.30 28.32
CA ASN B 187 -2.44 -5.66 28.02
C ASN B 187 -1.69 -5.60 26.68
N VAL B 188 -0.39 -5.78 26.74
CA VAL B 188 0.46 -5.74 25.55
C VAL B 188 0.41 -7.13 24.88
N MET B 189 -0.47 -7.24 23.88
CA MET B 189 -0.77 -8.51 23.19
C MET B 189 0.40 -9.05 22.36
N ARG B 190 1.20 -8.12 21.81
CA ARG B 190 2.36 -8.45 21.01
C ARG B 190 3.44 -7.41 21.14
N ILE B 191 4.70 -7.86 21.28
CA ILE B 191 5.89 -6.97 21.12
C ILE B 191 6.38 -7.28 19.73
N ILE B 192 6.50 -6.26 18.88
CA ILE B 192 7.01 -6.44 17.54
C ILE B 192 8.24 -5.54 17.34
N ASN B 193 9.08 -5.93 16.40
CA ASN B 193 10.32 -5.22 16.13
C ASN B 193 10.09 -3.95 15.31
N GLU B 194 10.70 -2.85 15.76
CA GLU B 194 10.64 -1.54 15.09
C GLU B 194 10.85 -1.58 13.58
N PRO B 195 11.99 -2.15 13.06
CA PRO B 195 12.07 -2.10 11.59
C PRO B 195 11.01 -2.94 10.85
N THR B 196 10.54 -4.02 11.47
CA THR B 196 9.51 -4.84 10.86
C THR B 196 8.19 -4.06 10.79
N ALA B 197 7.88 -3.38 11.86
CA ALA B 197 6.70 -2.54 11.93
C ALA B 197 6.73 -1.47 10.81
N ALA B 198 7.91 -0.91 10.57
CA ALA B 198 8.06 0.10 9.50
C ALA B 198 7.79 -0.49 8.10
N ALA B 199 8.38 -1.67 7.84
CA ALA B 199 8.14 -2.45 6.64
C ALA B 199 6.64 -2.77 6.43
N ILE B 200 5.96 -3.13 7.50
CA ILE B 200 4.52 -3.38 7.47
C ILE B 200 3.76 -2.11 7.10
N ALA B 201 4.09 -1.01 7.74
CA ALA B 201 3.45 0.29 7.39
C ALA B 201 3.43 0.54 5.88
N TYR B 202 4.48 0.13 5.19
CA TYR B 202 4.59 0.32 3.74
C TYR B 202 4.01 -0.82 2.91
N GLY B 203 3.43 -1.82 3.56
CA GLY B 203 2.79 -2.92 2.88
C GLY B 203 3.79 -3.81 2.18
N LEU B 204 5.03 -3.80 2.66
CA LEU B 204 6.07 -4.64 2.10
C LEU B 204 5.84 -6.11 2.43
N ASP B 205 4.95 -6.36 3.39
CA ASP B 205 4.56 -7.74 3.74
C ASP B 205 3.65 -8.38 2.67
N LYS B 206 3.02 -7.55 1.85
CA LYS B 206 2.21 -8.02 0.72
C LYS B 206 3.03 -8.32 -0.55
N ARG B 207 4.35 -8.31 -0.45
CA ARG B 207 5.22 -8.51 -1.63
C ARG B 207 5.59 -9.98 -1.81
N GLU B 208 5.52 -10.42 -3.05
CA GLU B 208 5.82 -11.81 -3.40
C GLU B 208 7.32 -12.05 -3.61
N GLY B 209 7.71 -13.31 -3.47
CA GLY B 209 9.10 -13.72 -3.64
C GLY B 209 9.92 -13.31 -2.43
N GLU B 210 11.23 -13.48 -2.54
CA GLU B 210 12.13 -13.19 -1.46
C GLU B 210 12.82 -11.88 -1.74
N LYS B 211 12.69 -10.93 -0.82
CA LYS B 211 13.26 -9.60 -1.02
C LYS B 211 14.10 -9.19 0.20
N ASN B 212 15.10 -8.37 -0.07
CA ASN B 212 15.98 -7.84 0.95
C ASN B 212 15.66 -6.39 1.19
N ILE B 213 15.36 -6.07 2.44
CA ILE B 213 14.88 -4.77 2.83
C ILE B 213 15.88 -4.16 3.82
N LEU B 214 16.42 -2.99 3.49
CA LEU B 214 17.34 -2.30 4.38
C LEU B 214 16.58 -1.17 5.09
N VAL B 215 16.51 -1.22 6.42
CA VAL B 215 15.82 -0.21 7.23
C VAL B 215 16.92 0.65 7.88
N PHE B 216 16.87 1.94 7.58
CA PHE B 216 17.78 2.99 8.07
C PHE B 216 16.97 3.88 9.01
N ASP B 217 17.23 3.77 10.31
CA ASP B 217 16.43 4.46 11.34
C ASP B 217 17.25 5.43 12.17
N LEU B 218 17.09 6.73 11.91
CA LEU B 218 17.84 7.75 12.62
C LEU B 218 16.88 8.65 13.40
N GLY B 219 16.87 8.50 14.72
CA GLY B 219 15.93 9.22 15.57
C GLY B 219 16.53 10.39 16.31
N GLY B 220 16.11 10.57 17.56
CA GLY B 220 16.58 11.64 18.40
C GLY B 220 17.84 11.26 19.10
N GLY B 221 17.91 10.02 19.60
CA GLY B 221 19.08 9.61 20.38
C GLY B 221 19.90 8.47 19.79
N THR B 222 19.31 7.71 18.88
CA THR B 222 19.89 6.48 18.34
C THR B 222 19.78 6.33 16.84
N PHE B 223 20.72 5.54 16.30
CA PHE B 223 20.84 5.17 14.89
C PHE B 223 20.87 3.64 14.78
N ASP B 224 19.81 3.07 14.18
CA ASP B 224 19.67 1.62 13.98
C ASP B 224 19.55 1.32 12.49
N VAL B 225 20.41 0.45 12.00
CA VAL B 225 20.29 -0.11 10.64
C VAL B 225 19.95 -1.60 10.76
N SER B 226 18.90 -2.05 10.05
CA SER B 226 18.53 -3.47 10.07
C SER B 226 18.36 -4.01 8.63
N LEU B 227 18.90 -5.20 8.37
CA LEU B 227 18.63 -5.90 7.13
C LEU B 227 17.56 -6.95 7.41
N LEU B 228 16.39 -6.81 6.77
CA LEU B 228 15.29 -7.77 6.88
C LEU B 228 15.10 -8.46 5.56
N THR B 229 14.70 -9.72 5.62
CA THR B 229 14.21 -10.42 4.47
C THR B 229 12.73 -10.70 4.65
N ILE B 230 11.99 -10.68 3.54
CA ILE B 230 10.60 -11.06 3.52
C ILE B 230 10.54 -12.22 2.54
N ASP B 231 9.90 -13.32 2.95
CA ASP B 231 9.74 -14.47 2.09
C ASP B 231 8.37 -15.09 2.36
N ASN B 232 7.56 -15.19 1.29
CA ASN B 232 6.17 -15.63 1.36
C ASN B 232 5.43 -15.05 2.55
N GLY B 233 5.58 -13.74 2.72
CA GLY B 233 4.88 -12.98 3.74
C GLY B 233 5.41 -13.05 5.17
N VAL B 234 6.59 -13.62 5.38
CA VAL B 234 7.17 -13.78 6.72
C VAL B 234 8.49 -13.02 6.83
N PHE B 235 8.64 -12.22 7.88
CA PHE B 235 9.82 -11.35 8.06
C PHE B 235 10.90 -12.04 8.89
N GLU B 236 12.17 -11.85 8.50
CA GLU B 236 13.33 -12.28 9.30
C GLU B 236 14.31 -11.10 9.45
N VAL B 237 14.74 -10.82 10.69
CA VAL B 237 15.81 -9.85 10.92
C VAL B 237 17.14 -10.58 10.75
N VAL B 238 17.90 -10.26 9.70
CA VAL B 238 19.12 -10.99 9.37
C VAL B 238 20.35 -10.41 10.06
N ALA B 239 20.44 -9.08 10.12
CA ALA B 239 21.54 -8.40 10.79
C ALA B 239 21.14 -7.02 11.23
N THR B 240 21.82 -6.54 12.26
CA THR B 240 21.62 -5.19 12.78
C THR B 240 22.95 -4.50 13.12
N ASN B 241 22.93 -3.18 13.04
CA ASN B 241 24.08 -2.38 13.39
C ASN B 241 23.59 -0.93 13.61
N GLY B 242 24.52 -0.02 13.82
CA GLY B 242 24.18 1.38 14.04
C GLY B 242 25.06 2.00 15.09
N ASP B 243 24.51 2.98 15.78
CA ASP B 243 25.25 3.69 16.82
C ASP B 243 24.25 4.14 17.87
N THR B 244 24.41 3.61 19.08
CA THR B 244 23.48 3.87 20.19
C THR B 244 23.49 5.31 20.73
N HIS B 245 24.53 6.08 20.38
CA HIS B 245 24.63 7.48 20.81
C HIS B 245 24.84 8.42 19.64
N LEU B 246 24.01 8.28 18.63
CA LEU B 246 24.02 9.20 17.47
C LEU B 246 22.60 9.44 17.05
N GLY B 247 22.16 10.70 17.08
CA GLY B 247 20.82 11.07 16.59
C GLY B 247 20.66 12.58 16.47
N GLY B 248 19.41 13.00 16.28
CA GLY B 248 19.13 14.40 16.06
C GLY B 248 19.55 15.30 17.21
N GLU B 249 19.56 14.77 18.43
CA GLU B 249 20.03 15.56 19.58
C GLU B 249 21.50 15.98 19.42
N ASP B 250 22.27 15.15 18.75
CA ASP B 250 23.65 15.51 18.51
C ASP B 250 23.78 16.61 17.48
N PHE B 251 22.86 16.66 16.50
CA PHE B 251 22.91 17.70 15.46
C PHE B 251 22.52 19.02 16.12
N ASP B 252 21.52 18.97 16.98
CA ASP B 252 21.13 20.12 17.80
C ASP B 252 22.31 20.66 18.65
N GLN B 253 23.09 19.78 19.26
CA GLN B 253 24.22 20.21 20.08
C GLN B 253 25.35 20.88 19.26
N ARG B 254 25.53 20.44 18.01
CA ARG B 254 26.48 21.10 17.09
C ARG B 254 26.06 22.53 16.75
N VAL B 255 24.76 22.77 16.63
CA VAL B 255 24.21 24.12 16.38
C VAL B 255 24.27 24.99 17.65
N MET B 256 23.97 24.40 18.81
N MET B 256 24.00 24.42 18.82
CA MET B 256 24.13 25.06 20.11
CA MET B 256 24.14 25.16 20.07
C MET B 256 25.55 25.58 20.30
C MET B 256 25.57 25.59 20.33
N GLU B 257 26.52 24.71 20.06
CA GLU B 257 27.95 25.07 20.22
C GLU B 257 28.31 26.26 19.33
N HIS B 258 27.90 26.19 18.06
CA HIS B 258 28.04 27.29 17.10
C HIS B 258 27.46 28.61 17.64
N PHE B 259 26.21 28.61 18.09
CA PHE B 259 25.61 29.86 18.60
C PHE B 259 26.11 30.29 19.99
N ILE B 260 26.51 29.35 20.85
CA ILE B 260 27.13 29.74 22.13
C ILE B 260 28.49 30.44 21.89
N LYS B 261 29.26 29.94 20.91
CA LYS B 261 30.56 30.56 20.56
C LYS B 261 30.37 31.95 19.97
N LEU B 262 29.48 32.05 18.99
CA LEU B 262 29.20 33.30 18.31
C LEU B 262 28.75 34.38 19.29
N TYR B 263 27.77 34.02 20.12
CA TYR B 263 27.25 34.96 21.14
C TYR B 263 28.37 35.49 22.04
N LYS B 264 29.34 34.65 22.37
CA LYS B 264 30.48 35.09 23.18
C LYS B 264 31.33 36.09 22.42
N LYS B 265 31.58 35.85 21.14
CA LYS B 265 32.31 36.82 20.32
C LYS B 265 31.62 38.17 20.26
N LYS B 266 30.30 38.16 20.11
CA LYS B 266 29.55 39.42 20.05
C LYS B 266 29.48 40.17 21.37
N THR B 267 29.31 39.44 22.47
CA THR B 267 28.97 40.03 23.76
C THR B 267 29.99 39.78 24.89
N GLY B 268 30.91 38.84 24.70
CA GLY B 268 31.83 38.43 25.78
C GLY B 268 31.16 37.63 26.89
N LYS B 269 29.92 37.20 26.66
CA LYS B 269 29.12 36.54 27.70
C LYS B 269 29.09 35.03 27.48
N ASP B 270 29.22 34.27 28.58
CA ASP B 270 29.10 32.80 28.57
C ASP B 270 27.70 32.38 29.02
N VAL B 271 26.83 32.06 28.07
CA VAL B 271 25.42 31.83 28.41
C VAL B 271 25.13 30.54 29.19
N ARG B 272 26.10 29.61 29.22
CA ARG B 272 25.95 28.35 29.95
C ARG B 272 25.83 28.54 31.46
N LYS B 273 26.22 29.70 31.98
CA LYS B 273 26.00 30.06 33.38
C LYS B 273 24.52 30.00 33.79
N ASP B 274 23.61 30.34 32.86
CA ASP B 274 22.16 30.30 33.13
C ASP B 274 21.50 29.07 32.47
N ASN B 275 21.03 28.13 33.29
CA ASN B 275 20.44 26.86 32.80
C ASN B 275 19.19 27.09 31.93
N ARG B 276 18.41 28.10 32.28
CA ARG B 276 17.17 28.37 31.55
C ARG B 276 17.49 28.97 30.16
N ALA B 277 18.56 29.76 30.08
CA ALA B 277 19.01 30.34 28.84
C ALA B 277 19.38 29.26 27.83
N VAL B 278 20.13 28.24 28.29
CA VAL B 278 20.51 27.10 27.45
C VAL B 278 19.27 26.36 26.96
N GLN B 279 18.34 26.13 27.88
CA GLN B 279 17.06 25.51 27.63
C GLN B 279 16.28 26.28 26.54
N LYS B 280 16.23 27.61 26.65
CA LYS B 280 15.52 28.40 25.66
C LYS B 280 16.16 28.24 24.29
N LEU B 281 17.49 28.30 24.24
CA LEU B 281 18.22 28.18 22.96
C LEU B 281 18.07 26.76 22.37
N ARG B 282 18.13 25.73 23.21
CA ARG B 282 17.96 24.37 22.70
C ARG B 282 16.61 24.20 22.02
N ARG B 283 15.57 24.73 22.65
CA ARG B 283 14.23 24.62 22.10
C ARG B 283 14.11 25.32 20.76
N GLU B 284 14.63 26.54 20.68
CA GLU B 284 14.58 27.27 19.42
C GLU B 284 15.47 26.64 18.37
N VAL B 285 16.58 26.04 18.79
CA VAL B 285 17.49 25.38 17.84
C VAL B 285 16.81 24.15 17.25
N GLU B 286 16.13 23.35 18.07
CA GLU B 286 15.44 22.17 17.56
C GLU B 286 14.35 22.61 16.55
N LYS B 287 13.60 23.66 16.90
CA LYS B 287 12.54 24.17 16.04
C LYS B 287 13.12 24.59 14.68
N ALA B 288 14.20 25.35 14.73
CA ALA B 288 14.84 25.85 13.50
C ALA B 288 15.38 24.71 12.64
N LYS B 289 16.04 23.74 13.26
CA LYS B 289 16.47 22.52 12.55
C LYS B 289 15.31 21.92 11.78
N ARG B 290 14.15 21.77 12.43
CA ARG B 290 13.00 21.17 11.77
C ARG B 290 12.56 22.02 10.55
N ALA B 291 12.53 23.34 10.71
CA ALA B 291 12.15 24.25 9.59
C ALA B 291 13.08 24.07 8.39
N LEU B 292 14.37 23.91 8.68
CA LEU B 292 15.36 23.73 7.62
C LEU B 292 15.28 22.39 6.88
N SER B 293 14.36 21.51 7.26
CA SER B 293 14.04 20.37 6.39
C SER B 293 13.14 20.73 5.19
N SER B 294 12.45 21.88 5.27
CA SER B 294 11.58 22.35 4.18
C SER B 294 11.76 23.82 3.77
N GLN B 295 12.68 24.54 4.42
CA GLN B 295 13.08 25.91 4.03
C GLN B 295 14.60 25.96 3.93
N HIS B 296 15.13 27.06 3.39
CA HIS B 296 16.59 27.21 3.24
C HIS B 296 17.24 28.05 4.36
N GLN B 297 16.42 28.86 5.02
CA GLN B 297 16.88 29.69 6.12
C GLN B 297 15.87 29.61 7.25
N ALA B 298 16.34 29.79 8.47
CA ALA B 298 15.47 29.94 9.64
C ALA B 298 16.06 30.95 10.61
N ARG B 299 15.20 31.68 11.30
CA ARG B 299 15.62 32.68 12.27
C ARG B 299 15.38 32.15 13.67
N ILE B 300 16.27 32.50 14.60
CA ILE B 300 16.17 32.13 16.01
C ILE B 300 16.10 33.40 16.84
N GLU B 301 14.97 33.59 17.51
CA GLU B 301 14.81 34.78 18.33
C GLU B 301 14.37 34.42 19.75
N ILE B 302 15.08 35.00 20.70
CA ILE B 302 14.76 34.86 22.10
C ILE B 302 14.85 36.22 22.77
N GLU B 303 13.73 36.74 23.24
CA GLU B 303 13.78 38.01 23.95
C GLU B 303 14.17 37.70 25.42
N SER B 304 14.95 38.60 26.00
CA SER B 304 15.40 38.47 27.37
C SER B 304 16.23 37.21 27.59
N PHE B 305 17.03 36.88 26.58
CA PHE B 305 17.85 35.66 26.51
C PHE B 305 18.86 35.53 27.67
N TYR B 306 19.63 36.57 27.90
CA TYR B 306 20.71 36.52 28.86
C TYR B 306 21.04 37.89 29.39
N GLU B 307 21.00 38.05 30.70
CA GLU B 307 21.24 39.33 31.37
C GLU B 307 20.41 40.45 30.76
N GLY B 308 19.17 40.11 30.39
CA GLY B 308 18.20 41.08 29.90
C GLY B 308 18.25 41.36 28.41
N GLU B 309 19.22 40.76 27.72
CA GLU B 309 19.46 41.05 26.30
C GLU B 309 18.82 40.00 25.37
N ASP B 310 18.39 40.43 24.20
CA ASP B 310 17.71 39.55 23.25
C ASP B 310 18.72 38.84 22.34
N PHE B 311 18.36 37.64 21.93
CA PHE B 311 19.15 36.84 21.00
C PHE B 311 18.47 36.92 19.65
N SER B 312 19.26 37.15 18.59
CA SER B 312 18.73 37.17 17.22
C SER B 312 19.76 36.77 16.17
N GLU B 313 19.61 35.56 15.64
CA GLU B 313 20.52 35.06 14.64
C GLU B 313 19.73 34.26 13.60
N THR B 314 20.38 33.94 12.50
CA THR B 314 19.77 33.08 11.50
C THR B 314 20.66 31.90 11.23
N LEU B 315 20.04 30.85 10.73
CA LEU B 315 20.75 29.66 10.36
C LEU B 315 20.24 29.25 9.00
N THR B 316 21.19 29.12 8.06
CA THR B 316 20.91 28.62 6.72
C THR B 316 21.00 27.08 6.69
N ARG B 317 20.40 26.47 5.67
CA ARG B 317 20.51 25.02 5.48
C ARG B 317 21.96 24.60 5.28
N ALA B 318 22.67 25.36 4.45
CA ALA B 318 24.10 25.12 4.17
C ALA B 318 24.94 25.09 5.45
N LYS B 319 24.66 26.01 6.39
CA LYS B 319 25.41 26.07 7.64
C LYS B 319 25.11 24.90 8.55
N PHE B 320 23.82 24.63 8.73
CA PHE B 320 23.38 23.46 9.48
C PHE B 320 24.04 22.17 8.95
N GLU B 321 24.09 22.02 7.62
CA GLU B 321 24.73 20.84 7.00
C GLU B 321 26.24 20.80 7.23
N GLU B 322 26.92 21.94 6.99
CA GLU B 322 28.35 22.08 7.21
C GLU B 322 28.77 21.72 8.66
N LEU B 323 28.01 22.23 9.64
CA LEU B 323 28.23 21.89 11.05
C LEU B 323 28.11 20.39 11.40
N ASN B 324 27.37 19.61 10.61
CA ASN B 324 27.06 18.23 10.95
C ASN B 324 27.51 17.20 9.91
N MET B 325 28.29 17.63 8.93
CA MET B 325 28.57 16.78 7.78
C MET B 325 29.31 15.52 8.14
N ASP B 326 30.27 15.62 9.05
CA ASP B 326 30.98 14.43 9.52
C ASP B 326 30.01 13.44 10.16
N LEU B 327 29.05 13.94 10.93
CA LEU B 327 28.10 13.08 11.65
C LEU B 327 27.17 12.37 10.68
N PHE B 328 26.74 13.09 9.65
CA PHE B 328 25.90 12.54 8.60
C PHE B 328 26.63 11.44 7.82
N ARG B 329 27.88 11.71 7.42
CA ARG B 329 28.62 10.74 6.62
C ARG B 329 28.92 9.46 7.37
N SER B 330 29.08 9.55 8.70
CA SER B 330 29.35 8.38 9.56
C SER B 330 28.19 7.35 9.66
N THR B 331 26.97 7.74 9.30
CA THR B 331 25.84 6.79 9.27
C THR B 331 25.99 5.71 8.19
N MET B 332 26.80 5.99 7.16
CA MET B 332 27.01 5.07 6.04
C MET B 332 27.85 3.84 6.42
N LYS B 333 28.79 3.99 7.34
CA LYS B 333 29.65 2.86 7.72
C LYS B 333 28.89 1.65 8.31
N PRO B 334 27.95 1.87 9.24
CA PRO B 334 27.10 0.75 9.70
C PRO B 334 26.26 0.11 8.60
N VAL B 335 25.92 0.87 7.55
CA VAL B 335 25.15 0.32 6.44
C VAL B 335 26.05 -0.62 5.62
N GLN B 336 27.32 -0.25 5.42
CA GLN B 336 28.26 -1.13 4.75
C GLN B 336 28.48 -2.39 5.58
N LYS B 337 28.56 -2.25 6.90
CA LYS B 337 28.76 -3.42 7.78
C LYS B 337 27.58 -4.43 7.78
N VAL B 338 26.33 -3.98 7.88
CA VAL B 338 25.21 -4.95 7.80
C VAL B 338 25.20 -5.68 6.46
N LEU B 339 25.46 -4.96 5.37
CA LEU B 339 25.55 -5.58 4.05
C LEU B 339 26.60 -6.69 4.02
N GLU B 340 27.80 -6.41 4.54
CA GLU B 340 28.85 -7.45 4.66
C GLU B 340 28.38 -8.61 5.50
N ASP B 341 27.85 -8.31 6.67
CA ASP B 341 27.37 -9.32 7.61
C ASP B 341 26.16 -10.13 7.09
N SER B 342 25.45 -9.57 6.10
CA SER B 342 24.39 -10.31 5.41
C SER B 342 24.88 -10.98 4.12
N ASP B 343 26.18 -10.93 3.84
CA ASP B 343 26.74 -11.35 2.54
C ASP B 343 25.92 -10.81 1.38
N LEU B 344 25.75 -9.49 1.33
CA LEU B 344 24.98 -8.82 0.28
C LEU B 344 25.72 -7.64 -0.35
N LYS B 345 25.26 -7.24 -1.53
CA LYS B 345 25.77 -6.07 -2.23
C LYS B 345 24.69 -5.00 -2.24
N LYS B 346 25.09 -3.76 -2.51
CA LYS B 346 24.12 -2.66 -2.65
C LYS B 346 23.02 -3.07 -3.62
N SER B 347 23.46 -3.73 -4.68
CA SER B 347 22.63 -4.21 -5.75
C SER B 347 21.52 -5.18 -5.27
N ASP B 348 21.80 -5.95 -4.21
CA ASP B 348 20.84 -6.93 -3.68
C ASP B 348 19.69 -6.31 -2.87
N ILE B 349 19.82 -5.05 -2.47
CA ILE B 349 18.76 -4.41 -1.71
C ILE B 349 17.58 -4.05 -2.61
N ASP B 350 16.43 -4.67 -2.35
CA ASP B 350 15.21 -4.41 -3.14
C ASP B 350 14.32 -3.27 -2.65
N GLU B 351 14.42 -2.94 -1.37
CA GLU B 351 13.60 -1.88 -0.75
C GLU B 351 14.40 -1.20 0.34
N ILE B 352 14.25 0.12 0.40
CA ILE B 352 14.94 0.91 1.42
C ILE B 352 13.90 1.70 2.13
N VAL B 353 13.93 1.60 3.45
CA VAL B 353 12.92 2.22 4.27
C VAL B 353 13.58 3.22 5.20
N LEU B 354 13.23 4.49 5.03
CA LEU B 354 13.66 5.58 5.94
C LEU B 354 12.72 5.69 7.12
N VAL B 355 13.29 5.60 8.33
CA VAL B 355 12.56 5.68 9.55
C VAL B 355 13.25 6.67 10.50
N GLY B 356 12.46 7.34 11.34
CA GLY B 356 12.99 8.26 12.34
C GLY B 356 12.94 9.70 11.92
N GLY B 357 12.81 10.60 12.88
CA GLY B 357 12.58 12.00 12.55
C GLY B 357 13.75 12.65 11.82
N SER B 358 14.96 12.17 12.05
CA SER B 358 16.13 12.80 11.43
C SER B 358 16.26 12.51 9.92
N THR B 359 15.57 11.48 9.44
CA THR B 359 15.60 11.17 7.99
C THR B 359 14.74 12.16 7.18
N ARG B 360 14.10 13.11 7.87
CA ARG B 360 13.44 14.22 7.20
C ARG B 360 14.45 15.22 6.68
N ILE B 361 15.69 15.16 7.20
CA ILE B 361 16.73 16.08 6.77
C ILE B 361 17.11 15.78 5.30
N PRO B 362 16.97 16.79 4.41
CA PRO B 362 17.29 16.58 2.99
C PRO B 362 18.63 15.89 2.74
N LYS B 363 19.68 16.31 3.45
CA LYS B 363 21.01 15.75 3.20
C LYS B 363 21.13 14.28 3.55
N ILE B 364 20.45 13.86 4.63
CA ILE B 364 20.45 12.43 4.97
C ILE B 364 19.73 11.62 3.87
N GLN B 365 18.59 12.11 3.39
CA GLN B 365 17.91 11.47 2.23
C GLN B 365 18.85 11.34 1.06
N GLN B 366 19.56 12.43 0.77
CA GLN B 366 20.46 12.46 -0.35
C GLN B 366 21.59 11.45 -0.20
N LEU B 367 22.20 11.37 0.98
CA LEU B 367 23.35 10.47 1.17
C LEU B 367 22.90 9.01 1.12
N VAL B 368 21.68 8.74 1.57
CA VAL B 368 21.17 7.36 1.52
C VAL B 368 20.89 7.00 0.05
N LYS B 369 20.16 7.88 -0.64
CA LYS B 369 19.89 7.70 -2.07
C LYS B 369 21.17 7.51 -2.81
N GLU B 370 22.13 8.37 -2.49
CA GLU B 370 23.44 8.32 -3.10
C GLU B 370 24.25 7.03 -2.83
N PHE B 371 24.25 6.58 -1.59
CA PHE B 371 24.92 5.31 -1.23
C PHE B 371 24.35 4.14 -2.01
N PHE B 372 23.04 4.16 -2.32
CA PHE B 372 22.43 3.08 -3.10
C PHE B 372 22.27 3.45 -4.59
N ASN B 373 23.29 4.13 -5.13
CA ASN B 373 23.39 4.42 -6.56
C ASN B 373 22.12 4.98 -7.18
N GLY B 374 21.47 5.88 -6.45
CA GLY B 374 20.28 6.54 -6.95
C GLY B 374 18.99 5.81 -6.70
N LYS B 375 19.01 4.68 -5.98
CA LYS B 375 17.78 3.96 -5.76
C LYS B 375 16.93 4.76 -4.78
N GLU B 376 15.67 4.97 -5.17
CA GLU B 376 14.75 5.72 -4.34
C GLU B 376 14.31 4.87 -3.13
N PRO B 377 14.05 5.52 -1.98
CA PRO B 377 13.43 4.83 -0.86
C PRO B 377 11.89 4.87 -0.89
N SER B 378 11.22 4.05 -0.09
CA SER B 378 9.76 4.16 0.09
C SER B 378 9.37 5.56 0.54
N ARG B 379 8.23 6.05 0.08
CA ARG B 379 7.73 7.38 0.45
C ARG B 379 6.26 7.33 0.76
N GLY B 380 5.78 8.28 1.56
CA GLY B 380 4.34 8.48 1.73
C GLY B 380 3.85 8.43 3.17
N ILE B 381 4.68 7.91 4.06
CA ILE B 381 4.35 7.88 5.49
C ILE B 381 5.43 8.70 6.21
N ASN B 382 5.02 9.62 7.08
CA ASN B 382 6.00 10.37 7.86
C ASN B 382 6.95 9.40 8.58
N PRO B 383 8.27 9.59 8.41
CA PRO B 383 9.23 8.61 8.93
C PRO B 383 9.20 8.44 10.46
N ASP B 384 8.83 9.50 11.19
CA ASP B 384 8.76 9.39 12.66
C ASP B 384 7.43 8.76 13.12
N GLU B 385 6.56 8.45 12.17
CA GLU B 385 5.28 7.81 12.42
C GLU B 385 5.20 6.37 11.89
N ALA B 386 6.14 5.97 11.02
CA ALA B 386 6.02 4.67 10.34
C ALA B 386 5.95 3.49 11.32
N VAL B 387 6.70 3.54 12.42
CA VAL B 387 6.72 2.42 13.38
C VAL B 387 5.36 2.28 14.07
N ALA B 388 4.81 3.39 14.60
CA ALA B 388 3.45 3.34 15.18
C ALA B 388 2.42 2.90 14.14
N TYR B 389 2.55 3.39 12.92
CA TYR B 389 1.68 3.01 11.81
C TYR B 389 1.63 1.52 11.62
N GLY B 390 2.79 0.90 11.49
CA GLY B 390 2.86 -0.56 11.36
C GLY B 390 2.30 -1.31 12.57
N ALA B 391 2.58 -0.81 13.78
CA ALA B 391 1.94 -1.37 15.00
C ALA B 391 0.42 -1.27 14.92
N ALA B 392 -0.09 -0.12 14.46
CA ALA B 392 -1.53 0.11 14.27
C ALA B 392 -2.18 -0.84 13.26
N VAL B 393 -1.45 -1.20 12.20
CA VAL B 393 -1.93 -2.18 11.22
C VAL B 393 -2.20 -3.55 11.89
N GLN B 394 -1.27 -4.00 12.70
CA GLN B 394 -1.43 -5.24 13.45
C GLN B 394 -2.53 -5.11 14.52
N ALA B 395 -2.61 -3.95 15.14
CA ALA B 395 -3.68 -3.65 16.12
C ALA B 395 -5.08 -3.78 15.51
N GLY B 396 -5.20 -3.32 14.25
CA GLY B 396 -6.43 -3.43 13.48
C GLY B 396 -6.89 -4.87 13.30
N VAL B 397 -5.95 -5.73 12.91
CA VAL B 397 -6.25 -7.15 12.77
C VAL B 397 -6.73 -7.73 14.10
N LEU B 398 -6.07 -7.35 15.19
CA LEU B 398 -6.41 -7.90 16.51
C LEU B 398 -7.76 -7.36 17.04
N SER B 399 -8.13 -6.15 16.62
CA SER B 399 -9.39 -5.56 17.04
C SER B 399 -10.61 -6.24 16.34
N GLY B 400 -10.38 -6.93 15.21
CA GLY B 400 -11.42 -7.71 14.53
C GLY B 400 -12.36 -6.85 13.71
PG ATP C . -12.63 -6.90 -21.61
O1G ATP C . -13.86 -6.34 -20.96
O2G ATP C . -11.79 -5.89 -22.36
O3G ATP C . -13.00 -8.16 -22.36
PB ATP C . -12.21 -8.32 -19.15
O1B ATP C . -12.09 -7.65 -17.78
O2B ATP C . -13.56 -8.93 -19.35
O3B ATP C . -11.74 -7.40 -20.36
PA ATP C . -9.66 -9.73 -18.67
O1A ATP C . -8.95 -8.45 -18.39
O2A ATP C . -9.65 -10.74 -17.54
O3A ATP C . -11.13 -9.52 -19.31
O5' ATP C . -8.93 -10.38 -19.91
C5' ATP C . -9.31 -11.63 -20.53
C4' ATP C . -8.24 -12.02 -21.55
O4' ATP C . -7.00 -12.22 -20.85
C3' ATP C . -8.55 -13.34 -22.26
O3' ATP C . -8.24 -13.19 -23.63
C2' ATP C . -7.56 -14.31 -21.57
O2' ATP C . -7.30 -15.41 -22.41
C1' ATP C . -6.37 -13.36 -21.36
N9 ATP C . -5.34 -13.90 -20.41
C8 ATP C . -5.48 -14.21 -19.11
N7 ATP C . -4.32 -14.68 -18.65
C5 ATP C . -3.42 -14.65 -19.64
C6 ATP C . -2.06 -15.00 -19.77
N6 ATP C . -1.37 -15.50 -18.67
N1 ATP C . -1.44 -14.84 -20.95
C2 ATP C . -2.09 -14.36 -22.00
N3 ATP C . -3.37 -14.01 -21.93
C4 ATP C . -4.07 -14.15 -20.79
PG ATP D . 15.25 7.26 19.11
O1G ATP D . 15.53 8.54 19.89
O2G ATP D . 14.89 6.09 20.01
O3G ATP D . 16.42 7.01 18.19
PB ATP D . 12.58 8.15 18.52
O1B ATP D . 12.54 8.37 20.03
O2B ATP D . 11.54 7.27 17.88
O3B ATP D . 14.03 7.63 18.11
PA ATP D . 12.02 10.04 16.42
O1A ATP D . 10.72 10.79 16.50
O2A ATP D . 12.21 8.99 15.39
O3A ATP D . 12.50 9.63 17.89
O5' ATP D . 13.16 11.11 16.03
C5' ATP D . 13.36 12.24 16.92
C4' ATP D . 14.30 13.25 16.24
O4' ATP D . 13.69 13.68 15.00
C3' ATP D . 14.52 14.54 17.06
O3' ATP D . 15.92 14.80 17.16
C2' ATP D . 13.82 15.63 16.24
O2' ATP D . 14.33 16.98 16.45
C1' ATP D . 14.02 15.05 14.84
N9 ATP D . 13.13 15.65 13.80
C8 ATP D . 11.80 15.62 13.78
N7 ATP D . 11.35 16.26 12.71
C5 ATP D . 12.37 16.71 12.04
C6 ATP D . 12.52 17.47 10.86
N6 ATP D . 11.39 17.84 10.16
N1 ATP D . 13.73 17.76 10.43
C2 ATP D . 14.82 17.37 11.09
N3 ATP D . 14.72 16.67 12.22
C4 ATP D . 13.54 16.32 12.71
#